data_6SK0
#
_entry.id   6SK0
#
_entity_poly.entity_id   1
_entity_poly.type   'polypeptide(L)'
_entity_poly.pdbx_seq_one_letter_code
;MNLTDSLQNVLSGVGTLNRYRLDIPSCPSSLDVEDFSGTEGISKIYRYDIIFTSTDRYPDAAWFLRKSATLIMGTGLLES
LTEQKKVHGVITDFRRISGSEDQAQYRITLKPFISLLDKQFRTHRFFVNKSVPEVVEQILTEHGLKGWEYEFSLKRTYPK
REQINQYQESDLRFIQRLLAEVGIFYFFTLHPDAQTEVIHFGDVQAALIFDKTLPVNSPSGMSDSGTDSVWALNVEHRVV
ESRVITNDYNHREAQNILMSVPADMTRGEGYDTSYGEVYHYRPRHTERGDKIDPAPETANFWARLDHERFLAEQTRITGK
STDASLLPAQVLTITDSTPPVLPAPLQEPVLLTQLLFTGSRKSALQVMLSAVPYSEIVCWRPPLLTRPKITGTMTARVTS
AKEGDIYAWQDASGMYRVKFDADRDDKNPGQESMPVRLAKPYSGDAYGFHFPLIQGTEVAIAFEEGDPDRPYIAHALHDS
RHVDHVTDKNGTRNVIRTPANNKLRMEDKRGEEHIKLSTEYGGKTQLNLGHNVDASRELRGEGAELRTDDWISIRGGKGI
FISADMQPQAQGKMLDMDEAIRQLEQALSLARSMAKAATAANATQGDISCQQRLNASLTDLTAPGMLLHAPDGIGMVSAR
ALRIASGSESVGIMSGDNTDITAGQSFTVVAEGAVSLLSRNQGMQLLAAKGRVNIQAQSDDLSMSSQQNLDIQSSEGKVT
VSANQELILACGGAYIKLSGGNIELGCPGQILLKSTNMQKMGPTSLDIASVEMPRGFGGGFILTDEAGVPQPSTPYRLTT
AEGDILQGITDENGKTAPVNTSIPSVVKVEFGKVKIHGETE
;
_entity_poly.pdbx_strand_id   A,B,C
#
# COMPACT_ATOMS: atom_id res chain seq x y z
N GLY A 491 -47.38 -0.06 21.67
CA GLY A 491 -47.70 0.39 20.34
C GLY A 491 -46.54 0.26 19.36
N THR A 492 -46.70 -0.64 18.39
CA THR A 492 -45.74 -0.90 17.33
C THR A 492 -44.37 -1.34 17.82
N ARG A 493 -44.25 -1.77 19.08
CA ARG A 493 -43.00 -2.27 19.62
C ARG A 493 -43.25 -3.65 20.22
N ASN A 494 -42.72 -4.67 19.58
CA ASN A 494 -42.73 -6.03 20.10
C ASN A 494 -41.37 -6.30 20.72
N VAL A 495 -41.37 -6.63 22.01
CA VAL A 495 -40.14 -6.76 22.78
C VAL A 495 -40.11 -8.12 23.44
N ILE A 496 -39.07 -8.89 23.17
CA ILE A 496 -38.71 -10.07 23.95
C ILE A 496 -37.58 -9.64 24.88
N ARG A 497 -37.94 -9.23 26.09
CA ARG A 497 -36.97 -8.71 27.04
C ARG A 497 -36.84 -9.67 28.21
N THR A 498 -35.62 -10.00 28.55
CA THR A 498 -35.33 -10.81 29.72
C THR A 498 -35.05 -9.92 30.91
N PRO A 499 -35.11 -10.46 32.13
CA PRO A 499 -34.79 -9.63 33.31
C PRO A 499 -33.40 -9.03 33.29
N ALA A 500 -32.45 -9.69 32.63
CA ALA A 500 -31.10 -9.15 32.51
C ALA A 500 -30.98 -8.14 31.38
N ASN A 501 -32.09 -7.76 30.76
CA ASN A 501 -32.14 -6.81 29.65
C ASN A 501 -31.49 -7.33 28.39
N ASN A 502 -31.42 -8.65 28.21
CA ASN A 502 -31.29 -9.21 26.88
C ASN A 502 -32.60 -8.98 26.15
N LYS A 503 -32.55 -8.28 25.03
CA LYS A 503 -33.78 -7.94 24.36
C LYS A 503 -33.67 -8.23 22.87
N LEU A 504 -34.79 -8.65 22.31
CA LEU A 504 -35.03 -8.64 20.88
C LEU A 504 -36.22 -7.73 20.68
N ARG A 505 -35.97 -6.52 20.21
CA ARG A 505 -37.01 -5.52 20.00
C ARG A 505 -37.28 -5.37 18.53
N MET A 506 -38.56 -5.40 18.16
CA MET A 506 -39.00 -5.15 16.80
C MET A 506 -39.92 -3.94 16.82
N GLU A 507 -39.50 -2.87 16.15
CA GLU A 507 -40.27 -1.64 16.06
C GLU A 507 -41.09 -1.68 14.77
N ASP A 508 -42.40 -1.56 14.91
CA ASP A 508 -43.32 -1.71 13.79
C ASP A 508 -43.72 -0.39 13.15
N LYS A 509 -43.34 0.75 13.73
CA LYS A 509 -43.81 2.02 13.20
C LYS A 509 -43.42 2.15 11.73
N ARG A 510 -44.43 2.28 10.88
CA ARG A 510 -44.21 2.24 9.44
C ARG A 510 -43.26 3.32 8.99
N GLY A 511 -42.34 2.96 8.11
CA GLY A 511 -41.30 3.86 7.67
C GLY A 511 -40.18 4.07 8.66
N GLU A 512 -40.30 3.56 9.88
CA GLU A 512 -39.22 3.63 10.86
C GLU A 512 -39.05 2.30 11.56
N GLU A 513 -39.19 1.20 10.84
CA GLU A 513 -39.07 -0.12 11.43
C GLU A 513 -37.63 -0.40 11.82
N HIS A 514 -37.46 -1.12 12.91
CA HIS A 514 -36.12 -1.56 13.27
C HIS A 514 -36.20 -2.82 14.10
N ILE A 515 -35.11 -3.54 14.12
CA ILE A 515 -34.90 -4.70 14.97
C ILE A 515 -33.67 -4.45 15.80
N LYS A 516 -33.78 -4.65 17.10
CA LYS A 516 -32.66 -4.49 18.01
C LYS A 516 -32.46 -5.79 18.75
N LEU A 517 -31.28 -6.36 18.63
CA LEU A 517 -30.85 -7.52 19.39
C LEU A 517 -29.72 -7.05 20.28
N SER A 518 -29.97 -6.95 21.58
CA SER A 518 -29.06 -6.25 22.45
C SER A 518 -28.84 -7.01 23.75
N THR A 519 -27.59 -7.12 24.15
CA THR A 519 -27.21 -7.60 25.46
C THR A 519 -26.47 -6.50 26.21
N GLU A 520 -26.57 -6.52 27.53
CA GLU A 520 -25.89 -5.52 28.34
C GLU A 520 -24.40 -5.80 28.50
N TYR A 521 -23.93 -6.96 28.10
CA TYR A 521 -22.53 -7.29 28.28
C TYR A 521 -21.67 -6.55 27.26
N GLY A 522 -20.47 -6.16 27.69
CA GLY A 522 -19.53 -5.46 26.83
C GLY A 522 -20.04 -4.11 26.39
N GLY A 523 -20.38 -3.27 27.35
CA GLY A 523 -21.19 -2.15 26.97
C GLY A 523 -22.49 -2.73 26.47
N LYS A 524 -23.12 -2.03 25.55
CA LYS A 524 -24.29 -2.61 24.90
C LYS A 524 -23.81 -3.30 23.63
N THR A 525 -23.61 -4.61 23.72
CA THR A 525 -23.30 -5.40 22.53
C THR A 525 -24.59 -5.64 21.77
N GLN A 526 -24.70 -5.10 20.57
CA GLN A 526 -25.98 -5.02 19.89
C GLN A 526 -25.82 -5.30 18.41
N LEU A 527 -26.89 -5.82 17.84
CA LEU A 527 -27.12 -5.78 16.41
C LEU A 527 -28.36 -4.93 16.20
N ASN A 528 -28.21 -3.82 15.50
CA ASN A 528 -29.29 -2.90 15.22
C ASN A 528 -29.54 -2.89 13.72
N LEU A 529 -30.75 -3.26 13.33
CA LEU A 529 -31.13 -3.32 11.93
C LEU A 529 -32.20 -2.30 11.63
N GLY A 530 -31.99 -1.51 10.59
CA GLY A 530 -33.03 -0.64 10.07
C GLY A 530 -32.94 0.76 10.63
N HIS A 531 -34.06 1.26 11.15
CA HIS A 531 -34.18 2.63 11.63
C HIS A 531 -33.76 2.67 13.10
N ASN A 532 -32.46 2.73 13.30
CA ASN A 532 -31.89 2.56 14.62
C ASN A 532 -31.99 3.85 15.43
N VAL A 533 -32.56 3.76 16.61
CA VAL A 533 -32.84 4.91 17.45
C VAL A 533 -32.09 4.78 18.76
N ASP A 534 -31.94 5.91 19.43
CA ASP A 534 -31.31 5.92 20.74
C ASP A 534 -32.38 5.71 21.82
N ALA A 535 -31.99 5.88 23.07
CA ALA A 535 -32.93 5.66 24.18
C ALA A 535 -34.10 6.62 24.12
N SER A 536 -33.86 7.86 23.67
CA SER A 536 -34.93 8.83 23.50
C SER A 536 -35.64 8.68 22.16
N ARG A 537 -35.45 7.55 21.48
CA ARG A 537 -36.14 7.21 20.24
C ARG A 537 -35.81 8.15 19.09
N GLU A 538 -34.70 8.88 19.18
CA GLU A 538 -34.25 9.69 18.07
C GLU A 538 -33.34 8.86 17.18
N LEU A 539 -33.46 9.07 15.87
CA LEU A 539 -32.67 8.31 14.92
C LEU A 539 -31.19 8.51 15.16
N ARG A 540 -30.47 7.43 15.43
CA ARG A 540 -29.03 7.48 15.57
C ARG A 540 -28.30 6.82 14.40
N GLY A 541 -29.03 6.32 13.42
CA GLY A 541 -28.40 5.70 12.27
C GLY A 541 -29.34 4.82 11.49
N GLU A 542 -29.09 4.69 10.19
CA GLU A 542 -29.89 3.85 9.33
C GLU A 542 -29.03 2.74 8.77
N GLY A 543 -29.56 1.51 8.82
CA GLY A 543 -28.89 0.35 8.27
C GLY A 543 -28.64 -0.68 9.35
N ALA A 544 -27.49 -1.32 9.27
CA ALA A 544 -27.13 -2.42 10.15
C ALA A 544 -25.93 -2.00 10.98
N GLU A 545 -26.06 -2.09 12.29
CA GLU A 545 -24.97 -1.78 13.20
C GLU A 545 -24.70 -2.99 14.07
N LEU A 546 -23.48 -3.47 14.01
CA LEU A 546 -22.96 -4.45 14.95
C LEU A 546 -21.94 -3.73 15.83
N ARG A 547 -22.26 -3.62 17.11
CA ARG A 547 -21.48 -2.77 17.99
C ARG A 547 -21.28 -3.43 19.34
N THR A 548 -20.16 -3.11 19.96
CA THR A 548 -19.79 -3.61 21.27
C THR A 548 -18.65 -2.76 21.78
N ASP A 549 -18.52 -2.69 23.09
CA ASP A 549 -17.32 -2.14 23.70
C ASP A 549 -16.16 -3.14 23.70
N ASP A 550 -16.46 -4.41 23.50
CA ASP A 550 -15.49 -5.49 23.47
C ASP A 550 -15.03 -5.72 22.02
N TRP A 551 -14.51 -6.90 21.75
CA TRP A 551 -14.03 -7.25 20.43
C TRP A 551 -15.17 -7.60 19.48
N ILE A 552 -14.93 -7.39 18.20
CA ILE A 552 -15.79 -7.88 17.14
C ILE A 552 -14.98 -8.88 16.33
N SER A 553 -15.55 -10.06 16.14
CA SER A 553 -14.94 -11.08 15.31
C SER A 553 -15.89 -11.43 14.19
N ILE A 554 -15.42 -11.30 12.96
CA ILE A 554 -16.16 -11.67 11.78
C ILE A 554 -15.35 -12.75 11.09
N ARG A 555 -15.86 -13.97 11.12
CA ARG A 555 -15.10 -15.14 10.70
C ARG A 555 -15.91 -15.91 9.67
N GLY A 556 -15.45 -15.89 8.43
CA GLY A 556 -16.07 -16.66 7.38
C GLY A 556 -15.12 -17.70 6.84
N GLY A 557 -15.42 -18.98 7.08
CA GLY A 557 -14.50 -20.02 6.72
C GLY A 557 -14.23 -20.14 5.23
N LYS A 558 -15.18 -19.71 4.41
CA LYS A 558 -15.01 -19.78 2.97
C LYS A 558 -14.64 -18.44 2.33
N GLY A 559 -14.62 -17.37 3.09
CA GLY A 559 -14.24 -16.08 2.56
C GLY A 559 -15.13 -14.97 3.09
N ILE A 560 -14.61 -13.75 3.00
CA ILE A 560 -15.28 -12.56 3.49
C ILE A 560 -15.47 -11.63 2.32
N PHE A 561 -16.71 -11.26 2.06
CA PHE A 561 -17.04 -10.22 1.09
C PHE A 561 -17.62 -9.04 1.85
N ILE A 562 -16.88 -7.94 1.89
CA ILE A 562 -17.34 -6.70 2.49
C ILE A 562 -17.50 -5.69 1.37
N SER A 563 -18.71 -5.20 1.18
CA SER A 563 -19.05 -4.50 -0.03
C SER A 563 -19.99 -3.35 0.28
N ALA A 564 -19.67 -2.18 -0.27
CA ALA A 564 -20.60 -1.06 -0.28
C ALA A 564 -21.43 -1.02 -1.55
N ASP A 565 -21.68 -2.16 -2.17
CA ASP A 565 -22.43 -2.23 -3.41
C ASP A 565 -23.90 -2.47 -3.11
N MET A 566 -24.74 -1.53 -3.51
CA MET A 566 -26.17 -1.65 -3.33
C MET A 566 -26.71 -2.91 -4.02
N GLN A 567 -27.48 -3.69 -3.29
CA GLN A 567 -28.26 -4.80 -3.83
C GLN A 567 -29.67 -4.65 -3.32
N PRO A 568 -30.48 -3.82 -3.95
CA PRO A 568 -31.79 -3.45 -3.39
C PRO A 568 -32.71 -4.64 -3.19
N GLN A 569 -33.38 -4.67 -2.03
CA GLN A 569 -34.34 -5.70 -1.66
C GLN A 569 -33.72 -7.09 -1.55
N ALA A 570 -32.40 -7.16 -1.39
CA ALA A 570 -31.68 -8.43 -1.33
C ALA A 570 -31.94 -9.30 -2.56
N GLN A 571 -32.26 -8.67 -3.68
CA GLN A 571 -32.51 -9.39 -4.92
C GLN A 571 -31.17 -9.70 -5.57
N GLY A 572 -30.80 -10.96 -5.61
CA GLY A 572 -29.53 -11.39 -6.12
C GLY A 572 -28.80 -12.27 -5.14
N LYS A 573 -27.72 -12.86 -5.63
CA LYS A 573 -26.93 -13.75 -4.80
C LYS A 573 -26.24 -12.99 -3.68
N MET A 574 -26.01 -13.68 -2.58
CA MET A 574 -25.30 -13.10 -1.45
C MET A 574 -23.90 -12.66 -1.86
N LEU A 575 -23.25 -13.41 -2.74
CA LEU A 575 -21.90 -13.10 -3.20
C LEU A 575 -21.88 -12.42 -4.57
N ASP A 576 -22.95 -11.72 -4.92
CA ASP A 576 -23.00 -10.99 -6.17
C ASP A 576 -21.99 -9.85 -6.13
N MET A 577 -20.93 -9.95 -6.93
CA MET A 577 -19.80 -9.04 -6.80
C MET A 577 -19.34 -8.56 -8.17
N ASP A 578 -20.30 -8.22 -9.04
CA ASP A 578 -19.97 -7.88 -10.43
C ASP A 578 -19.06 -6.66 -10.51
N GLU A 579 -19.34 -5.62 -9.74
CA GLU A 579 -18.50 -4.44 -9.79
C GLU A 579 -17.14 -4.71 -9.17
N ALA A 580 -17.10 -5.45 -8.06
CA ALA A 580 -15.83 -5.84 -7.48
C ALA A 580 -15.02 -6.70 -8.45
N ILE A 581 -15.69 -7.58 -9.18
CA ILE A 581 -14.99 -8.42 -10.15
C ILE A 581 -14.46 -7.58 -11.29
N ARG A 582 -15.23 -6.60 -11.74
CA ARG A 582 -14.74 -5.67 -12.75
C ARG A 582 -13.49 -4.96 -12.26
N GLN A 583 -13.48 -4.54 -10.99
CA GLN A 583 -12.29 -3.90 -10.44
C GLN A 583 -11.11 -4.87 -10.42
N LEU A 584 -11.33 -6.11 -9.99
CA LEU A 584 -10.25 -7.08 -9.96
C LEU A 584 -9.67 -7.32 -11.35
N GLU A 585 -10.55 -7.48 -12.34
CA GLU A 585 -10.10 -7.72 -13.71
C GLU A 585 -9.38 -6.52 -14.27
N GLN A 586 -9.86 -5.32 -13.98
CA GLN A 586 -9.20 -4.12 -14.46
C GLN A 586 -7.81 -4.00 -13.87
N ALA A 587 -7.69 -4.22 -12.56
CA ALA A 587 -6.38 -4.16 -11.92
C ALA A 587 -5.45 -5.22 -12.50
N LEU A 588 -5.95 -6.42 -12.72
CA LEU A 588 -5.10 -7.49 -13.23
C LEU A 588 -4.66 -7.21 -14.66
N SER A 589 -5.55 -6.70 -15.50
CA SER A 589 -5.19 -6.42 -16.88
C SER A 589 -4.21 -5.26 -16.95
N LEU A 590 -4.39 -4.26 -16.09
CA LEU A 590 -3.41 -3.18 -16.01
C LEU A 590 -2.04 -3.72 -15.61
N ALA A 591 -2.00 -4.58 -14.59
CA ALA A 591 -0.75 -5.17 -14.16
C ALA A 591 -0.10 -5.99 -15.27
N ARG A 592 -0.91 -6.72 -16.04
CA ARG A 592 -0.36 -7.56 -17.09
C ARG A 592 0.21 -6.72 -18.23
N SER A 593 -0.52 -5.70 -18.65
CA SER A 593 0.00 -4.82 -19.70
C SER A 593 1.27 -4.12 -19.23
N MET A 594 1.32 -3.72 -17.96
CA MET A 594 2.52 -3.08 -17.45
C MET A 594 3.67 -4.06 -17.33
N ALA A 595 3.36 -5.33 -17.06
CA ALA A 595 4.42 -6.34 -17.01
C ALA A 595 5.02 -6.55 -18.40
N LYS A 596 4.19 -6.57 -19.43
CA LYS A 596 4.73 -6.62 -20.78
C LYS A 596 5.58 -5.39 -21.07
N ALA A 597 5.12 -4.21 -20.66
CA ALA A 597 5.92 -3.00 -20.86
C ALA A 597 7.25 -3.09 -20.13
N ALA A 598 7.25 -3.63 -18.93
CA ALA A 598 8.49 -3.79 -18.18
C ALA A 598 9.45 -4.73 -18.88
N THR A 599 8.91 -5.81 -19.45
CA THR A 599 9.74 -6.73 -20.22
C THR A 599 10.35 -6.01 -21.42
N ALA A 600 9.55 -5.22 -22.14
CA ALA A 600 10.07 -4.51 -23.31
C ALA A 600 11.17 -3.53 -22.93
N ALA A 601 11.12 -2.96 -21.74
CA ALA A 601 12.10 -1.97 -21.32
C ALA A 601 13.25 -2.58 -20.52
N ASN A 602 13.30 -3.89 -20.39
CA ASN A 602 14.30 -4.59 -19.59
C ASN A 602 14.23 -4.21 -18.11
N ALA A 603 13.04 -3.86 -17.65
CA ALA A 603 12.82 -3.71 -16.23
C ALA A 603 12.53 -5.07 -15.60
N THR A 604 12.66 -5.13 -14.29
CA THR A 604 12.28 -6.34 -13.56
C THR A 604 10.77 -6.48 -13.60
N GLN A 605 10.30 -7.62 -14.10
CA GLN A 605 8.87 -7.84 -14.23
C GLN A 605 8.23 -8.04 -12.86
N GLY A 606 6.97 -7.65 -12.77
CA GLY A 606 6.20 -7.92 -11.57
C GLY A 606 5.77 -9.37 -11.47
N ASP A 607 5.17 -9.70 -10.33
CA ASP A 607 4.66 -11.06 -10.08
C ASP A 607 3.22 -11.14 -10.53
N ILE A 608 3.03 -11.45 -11.81
CA ILE A 608 1.68 -11.56 -12.33
C ILE A 608 1.01 -12.84 -11.82
N SER A 609 1.78 -13.89 -11.61
CA SER A 609 1.21 -15.19 -11.29
C SER A 609 0.35 -15.15 -10.03
N CYS A 610 0.88 -14.60 -8.95
CA CYS A 610 0.13 -14.58 -7.70
C CYS A 610 -1.07 -13.64 -7.78
N GLN A 611 -0.99 -12.59 -8.59
CA GLN A 611 -2.15 -11.71 -8.74
C GLN A 611 -3.24 -12.36 -9.60
N GLN A 612 -2.85 -13.10 -10.61
CA GLN A 612 -3.82 -13.87 -11.38
C GLN A 612 -4.49 -14.93 -10.52
N ARG A 613 -3.69 -15.61 -9.69
CA ARG A 613 -4.24 -16.56 -8.74
C ARG A 613 -5.16 -15.87 -7.74
N LEU A 614 -4.81 -14.65 -7.33
CA LEU A 614 -5.67 -13.91 -6.43
C LEU A 614 -7.00 -13.57 -7.09
N ASN A 615 -6.96 -13.19 -8.37
CA ASN A 615 -8.19 -12.98 -9.11
C ASN A 615 -9.06 -14.23 -9.09
N ALA A 616 -8.45 -15.38 -9.38
CA ALA A 616 -9.21 -16.62 -9.35
C ALA A 616 -9.80 -16.90 -7.98
N SER A 617 -9.02 -16.65 -6.92
CA SER A 617 -9.45 -16.94 -5.57
C SER A 617 -10.59 -16.02 -5.14
N LEU A 618 -10.48 -14.73 -5.45
CA LEU A 618 -11.42 -13.75 -4.94
C LEU A 618 -12.68 -13.67 -5.78
N THR A 619 -12.60 -13.97 -7.07
CA THR A 619 -13.80 -13.99 -7.91
C THR A 619 -14.76 -15.04 -7.37
N ASP A 620 -15.92 -14.58 -6.91
CA ASP A 620 -16.93 -15.40 -6.25
C ASP A 620 -16.40 -16.04 -4.98
N LEU A 621 -15.25 -15.61 -4.49
CA LEU A 621 -14.61 -16.16 -3.29
C LEU A 621 -14.57 -17.68 -3.36
N THR A 622 -14.04 -18.20 -4.47
CA THR A 622 -13.89 -19.64 -4.62
C THR A 622 -12.83 -20.20 -3.69
N ALA A 623 -11.92 -19.35 -3.21
CA ALA A 623 -11.01 -19.68 -2.14
C ALA A 623 -11.25 -18.74 -0.97
N PRO A 624 -10.91 -19.14 0.25
CA PRO A 624 -11.18 -18.27 1.41
C PRO A 624 -10.30 -17.04 1.44
N GLY A 625 -10.59 -16.10 0.54
CA GLY A 625 -9.96 -14.81 0.55
C GLY A 625 -10.84 -13.76 1.21
N MET A 626 -10.40 -12.53 1.09
CA MET A 626 -11.16 -11.40 1.59
C MET A 626 -11.23 -10.36 0.50
N LEU A 627 -12.43 -9.95 0.16
CA LEU A 627 -12.66 -8.96 -0.87
C LEU A 627 -13.37 -7.78 -0.23
N LEU A 628 -12.68 -6.65 -0.21
CA LEU A 628 -13.25 -5.38 0.23
C LEU A 628 -13.47 -4.52 -1.01
N HIS A 629 -14.71 -4.16 -1.26
CA HIS A 629 -15.02 -3.33 -2.40
C HIS A 629 -16.02 -2.26 -2.00
N ALA A 630 -15.76 -1.03 -2.43
CA ALA A 630 -16.68 0.05 -2.28
C ALA A 630 -16.68 0.79 -3.60
N PRO A 631 -17.83 1.17 -4.13
CA PRO A 631 -17.84 1.92 -5.38
C PRO A 631 -17.25 3.32 -5.24
N ASP A 632 -17.28 3.92 -4.06
CA ASP A 632 -16.86 5.30 -3.90
C ASP A 632 -15.61 5.45 -3.04
N GLY A 633 -14.78 4.43 -3.01
CA GLY A 633 -13.47 4.63 -2.40
C GLY A 633 -13.36 3.93 -1.06
N ILE A 634 -12.13 3.54 -0.73
CA ILE A 634 -11.86 2.84 0.51
C ILE A 634 -10.79 3.60 1.27
N GLY A 635 -11.09 3.87 2.53
CA GLY A 635 -10.11 4.47 3.41
C GLY A 635 -9.77 3.56 4.56
N MET A 636 -8.49 3.26 4.69
CA MET A 636 -7.95 2.46 5.78
C MET A 636 -7.02 3.38 6.56
N VAL A 637 -7.46 3.80 7.74
CA VAL A 637 -6.75 4.82 8.48
C VAL A 637 -6.59 4.41 9.93
N SER A 638 -5.50 4.89 10.53
CA SER A 638 -5.22 4.71 11.93
C SER A 638 -4.23 5.79 12.33
N ALA A 639 -4.36 6.28 13.56
CA ALA A 639 -3.28 7.08 14.11
C ALA A 639 -2.01 6.26 14.24
N ARG A 640 -2.15 4.97 14.51
CA ARG A 640 -1.03 4.07 14.71
C ARG A 640 -0.60 3.45 13.39
N ALA A 641 0.31 2.49 13.46
CA ALA A 641 0.89 1.90 12.27
C ALA A 641 -0.12 1.08 11.49
N LEU A 642 0.10 1.01 10.19
CA LEU A 642 -0.65 0.13 9.33
C LEU A 642 0.32 -0.89 8.75
N ARG A 643 -0.15 -2.11 8.58
CA ARG A 643 0.63 -3.12 7.89
C ARG A 643 -0.21 -3.79 6.82
N ILE A 644 0.34 -3.84 5.63
CA ILE A 644 -0.19 -4.62 4.52
C ILE A 644 0.90 -5.62 4.19
N ALA A 645 0.62 -6.89 4.40
CA ALA A 645 1.66 -7.90 4.30
C ALA A 645 1.15 -9.17 3.65
N SER A 646 1.87 -9.63 2.65
CA SER A 646 1.72 -10.97 2.10
C SER A 646 2.89 -11.80 2.58
N GLY A 647 2.61 -12.88 3.30
CA GLY A 647 3.67 -13.68 3.87
C GLY A 647 4.49 -14.42 2.83
N SER A 648 3.84 -14.98 1.82
CA SER A 648 4.50 -15.81 0.84
C SER A 648 4.37 -15.30 -0.58
N GLU A 649 3.52 -14.33 -0.82
CA GLU A 649 3.22 -13.90 -2.18
C GLU A 649 3.45 -12.41 -2.29
N SER A 650 2.92 -11.82 -3.34
CA SER A 650 3.20 -10.44 -3.64
C SER A 650 2.11 -9.50 -3.13
N VAL A 651 2.50 -8.28 -2.86
CA VAL A 651 1.57 -7.18 -2.63
C VAL A 651 1.51 -6.38 -3.92
N GLY A 652 0.32 -6.31 -4.51
CA GLY A 652 0.11 -5.56 -5.72
C GLY A 652 -0.73 -4.32 -5.45
N ILE A 653 -0.20 -3.18 -5.85
CA ILE A 653 -0.91 -1.92 -5.79
C ILE A 653 -1.13 -1.45 -7.21
N MET A 654 -2.39 -1.31 -7.60
CA MET A 654 -2.76 -0.87 -8.93
C MET A 654 -3.60 0.39 -8.81
N SER A 655 -3.33 1.34 -9.68
CA SER A 655 -4.12 2.56 -9.75
C SER A 655 -4.33 2.90 -11.21
N GLY A 656 -5.57 3.14 -11.58
CA GLY A 656 -5.83 3.72 -12.88
C GLY A 656 -5.19 5.08 -13.02
N ASP A 657 -5.23 5.86 -11.95
CA ASP A 657 -4.54 7.14 -11.82
C ASP A 657 -3.20 6.92 -11.11
N ASN A 658 -2.72 7.96 -10.45
CA ASN A 658 -1.47 7.93 -9.71
C ASN A 658 -1.49 6.92 -8.55
N THR A 659 -0.31 6.49 -8.17
CA THR A 659 -0.06 5.90 -6.87
C THR A 659 0.86 6.87 -6.12
N ASP A 660 0.31 7.54 -5.12
CA ASP A 660 1.02 8.58 -4.38
C ASP A 660 1.40 8.04 -3.02
N ILE A 661 2.66 8.22 -2.66
CA ILE A 661 3.13 7.90 -1.32
C ILE A 661 3.62 9.19 -0.70
N THR A 662 3.07 9.51 0.46
CA THR A 662 3.41 10.73 1.19
C THR A 662 3.85 10.31 2.58
N ALA A 663 5.14 10.42 2.84
CA ALA A 663 5.73 9.99 4.11
C ALA A 663 6.06 11.22 4.93
N GLY A 664 5.48 11.30 6.12
CA GLY A 664 5.87 12.35 7.04
C GLY A 664 7.30 12.23 7.52
N GLN A 665 7.87 11.03 7.46
CA GLN A 665 9.30 10.92 7.70
C GLN A 665 10.06 10.44 6.47
N SER A 666 9.96 9.17 6.12
CA SER A 666 10.86 8.65 5.09
C SER A 666 10.17 7.55 4.32
N PHE A 667 10.55 7.43 3.07
CA PHE A 667 10.12 6.33 2.23
C PHE A 667 11.31 5.41 2.04
N THR A 668 11.22 4.20 2.59
CA THR A 668 12.31 3.24 2.53
C THR A 668 11.81 1.99 1.83
N VAL A 669 12.62 1.48 0.92
CA VAL A 669 12.37 0.21 0.26
C VAL A 669 13.60 -0.66 0.46
N VAL A 670 13.39 -1.85 0.99
CA VAL A 670 14.41 -2.89 0.97
C VAL A 670 13.80 -4.06 0.23
N ALA A 671 14.38 -4.38 -0.91
CA ALA A 671 14.01 -5.55 -1.68
C ALA A 671 15.14 -6.56 -1.62
N GLU A 672 14.80 -7.81 -1.35
CA GLU A 672 15.81 -8.85 -1.37
C GLU A 672 16.38 -9.05 -2.77
N GLY A 673 15.54 -8.93 -3.78
CA GLY A 673 16.00 -9.05 -5.14
C GLY A 673 16.32 -7.70 -5.75
N ALA A 674 15.47 -7.26 -6.67
CA ALA A 674 15.73 -6.04 -7.43
C ALA A 674 14.81 -4.92 -7.00
N VAL A 675 15.25 -3.71 -7.26
CA VAL A 675 14.40 -2.52 -7.23
C VAL A 675 14.31 -2.03 -8.66
N SER A 676 13.09 -1.94 -9.17
CA SER A 676 12.87 -1.60 -10.56
C SER A 676 11.81 -0.52 -10.64
N LEU A 677 12.19 0.65 -11.13
CA LEU A 677 11.28 1.75 -11.37
C LEU A 677 11.25 2.03 -12.86
N LEU A 678 10.10 1.81 -13.48
CA LEU A 678 9.92 2.06 -14.90
C LEU A 678 8.84 3.11 -15.10
N SER A 679 9.22 4.23 -15.67
CA SER A 679 8.29 5.22 -16.17
C SER A 679 8.11 5.00 -17.66
N ARG A 680 6.87 4.99 -18.13
CA ARG A 680 6.64 4.68 -19.53
C ARG A 680 6.62 5.91 -20.41
N ASN A 681 6.11 7.02 -19.91
CA ASN A 681 5.93 8.13 -20.84
C ASN A 681 6.52 9.44 -20.37
N GLN A 682 6.45 9.75 -19.08
CA GLN A 682 6.75 11.09 -18.62
C GLN A 682 8.04 11.17 -17.82
N GLY A 683 8.94 10.22 -18.03
CA GLY A 683 10.24 10.29 -17.42
C GLY A 683 10.24 10.06 -15.92
N MET A 684 11.40 10.29 -15.35
CA MET A 684 11.67 9.95 -13.96
C MET A 684 12.38 11.11 -13.30
N GLN A 685 11.89 11.51 -12.14
CA GLN A 685 12.52 12.55 -11.34
C GLN A 685 12.92 11.92 -10.01
N LEU A 686 14.21 11.92 -9.73
CA LEU A 686 14.75 11.49 -8.46
C LEU A 686 15.40 12.71 -7.84
N LEU A 687 14.69 13.36 -6.93
CA LEU A 687 15.07 14.67 -6.43
C LEU A 687 15.17 14.66 -4.92
N ALA A 688 16.27 15.19 -4.42
CA ALA A 688 16.39 15.57 -3.02
C ALA A 688 16.41 17.08 -2.97
N ALA A 689 15.32 17.67 -2.47
CA ALA A 689 15.31 19.10 -2.23
C ALA A 689 16.45 19.51 -1.32
N LYS A 690 16.67 18.74 -0.26
CA LYS A 690 17.82 18.89 0.62
C LYS A 690 18.39 17.51 0.89
N GLY A 691 19.62 17.50 1.33
CA GLY A 691 20.29 16.26 1.66
C GLY A 691 21.00 15.65 0.46
N ARG A 692 21.98 14.82 0.78
CA ARG A 692 22.84 14.21 -0.23
C ARG A 692 22.08 13.16 -1.03
N VAL A 693 22.32 13.15 -2.34
CA VAL A 693 21.87 12.07 -3.21
C VAL A 693 23.03 11.10 -3.37
N ASN A 694 22.80 9.84 -2.99
CA ASN A 694 23.82 8.81 -3.06
C ASN A 694 23.29 7.65 -3.88
N ILE A 695 23.97 7.35 -4.98
CA ILE A 695 23.62 6.27 -5.88
C ILE A 695 24.81 5.33 -5.95
N GLN A 696 24.63 4.10 -5.52
CA GLN A 696 25.74 3.15 -5.41
C GLN A 696 25.36 1.79 -5.94
N ALA A 697 26.21 1.27 -6.82
CA ALA A 697 26.33 -0.17 -7.03
C ALA A 697 27.46 -0.63 -6.11
N GLN A 698 27.08 -1.00 -4.89
CA GLN A 698 28.07 -1.24 -3.84
C GLN A 698 29.00 -2.40 -4.14
N SER A 699 28.58 -3.35 -4.97
CA SER A 699 29.46 -4.46 -5.30
C SER A 699 29.38 -4.86 -6.77
N ASP A 700 29.03 -3.93 -7.65
CA ASP A 700 28.75 -4.29 -9.03
C ASP A 700 28.97 -3.08 -9.93
N ASP A 701 28.55 -3.21 -11.18
CA ASP A 701 28.63 -2.13 -12.15
C ASP A 701 27.48 -1.14 -11.95
N LEU A 702 27.76 0.12 -12.27
CA LEU A 702 26.73 1.13 -12.44
C LEU A 702 26.77 1.60 -13.87
N SER A 703 25.62 1.63 -14.51
CA SER A 703 25.48 2.13 -15.86
C SER A 703 24.41 3.22 -15.87
N MET A 704 24.78 4.38 -16.40
CA MET A 704 23.86 5.50 -16.52
C MET A 704 23.90 5.95 -17.97
N SER A 705 22.78 5.83 -18.65
CA SER A 705 22.77 6.12 -20.08
C SER A 705 21.52 6.89 -20.45
N SER A 706 21.63 7.66 -21.52
CA SER A 706 20.50 8.26 -22.18
C SER A 706 20.67 8.04 -23.67
N GLN A 707 19.55 7.95 -24.37
CA GLN A 707 19.60 7.96 -25.82
C GLN A 707 19.95 9.34 -26.32
N GLN A 708 19.34 10.37 -25.77
CA GLN A 708 19.59 11.75 -26.11
C GLN A 708 20.66 12.31 -25.17
N ASN A 709 20.74 13.63 -25.07
CA ASN A 709 21.82 14.27 -24.33
C ASN A 709 21.84 13.88 -22.86
N LEU A 710 23.05 13.65 -22.37
CA LEU A 710 23.29 13.38 -20.97
C LEU A 710 24.08 14.53 -20.38
N ASP A 711 23.52 15.18 -19.37
CA ASP A 711 24.15 16.33 -18.72
C ASP A 711 24.41 15.99 -17.26
N ILE A 712 25.66 16.19 -16.86
CA ILE A 712 26.09 16.05 -15.47
C ILE A 712 26.64 17.39 -15.04
N GLN A 713 26.09 17.95 -13.98
CA GLN A 713 26.43 19.31 -13.62
C GLN A 713 26.45 19.50 -12.12
N SER A 714 27.48 20.17 -11.64
CA SER A 714 27.47 20.77 -10.31
C SER A 714 27.31 22.27 -10.51
N SER A 715 26.18 22.80 -10.06
CA SER A 715 25.86 24.20 -10.34
C SER A 715 26.67 25.17 -9.49
N GLU A 716 27.12 24.75 -8.33
CA GLU A 716 27.87 25.63 -7.44
C GLU A 716 29.13 25.01 -6.88
N GLY A 717 29.39 23.74 -7.15
CA GLY A 717 30.52 23.05 -6.57
C GLY A 717 31.38 22.40 -7.62
N LYS A 718 32.01 21.30 -7.23
CA LYS A 718 32.95 20.58 -8.06
C LYS A 718 32.31 19.33 -8.64
N VAL A 719 32.83 18.91 -9.78
CA VAL A 719 32.56 17.60 -10.34
C VAL A 719 33.86 16.82 -10.29
N THR A 720 33.84 15.68 -9.62
CA THR A 720 34.98 14.80 -9.52
C THR A 720 34.61 13.45 -10.12
N VAL A 721 35.39 13.01 -11.09
CA VAL A 721 35.23 11.70 -11.69
C VAL A 721 36.51 10.92 -11.42
N SER A 722 36.41 9.87 -10.63
CA SER A 722 37.57 9.09 -10.25
C SER A 722 37.34 7.64 -10.61
N ALA A 723 38.32 7.05 -11.26
CA ALA A 723 38.34 5.63 -11.54
C ALA A 723 39.53 5.03 -10.82
N ASN A 724 39.41 3.75 -10.49
CA ASN A 724 40.52 3.06 -9.86
C ASN A 724 41.46 2.47 -10.90
N GLN A 725 40.91 1.91 -11.97
CA GLN A 725 41.70 1.23 -12.98
C GLN A 725 41.94 2.07 -14.21
N GLU A 726 40.92 2.75 -14.70
CA GLU A 726 41.00 3.37 -16.01
C GLU A 726 39.83 4.33 -16.17
N LEU A 727 40.12 5.57 -16.48
CA LEU A 727 39.10 6.55 -16.79
C LEU A 727 39.17 6.84 -18.29
N ILE A 728 38.08 6.59 -19.00
CA ILE A 728 38.02 6.75 -20.43
C ILE A 728 36.89 7.70 -20.78
N LEU A 729 37.20 8.74 -21.53
CA LEU A 729 36.21 9.57 -22.19
C LEU A 729 36.35 9.33 -23.68
N ALA A 730 35.26 8.95 -24.33
CA ALA A 730 35.31 8.59 -25.73
C ALA A 730 34.15 9.23 -26.47
N CYS A 731 34.43 9.75 -27.65
CA CYS A 731 33.38 10.25 -28.53
C CYS A 731 33.93 10.29 -29.95
N GLY A 732 33.26 9.61 -30.87
CA GLY A 732 33.57 9.74 -32.28
C GLY A 732 34.99 9.36 -32.65
N GLY A 733 35.52 8.29 -32.07
CA GLY A 733 36.88 7.88 -32.31
C GLY A 733 37.91 8.56 -31.43
N ALA A 734 37.65 9.80 -31.03
CA ALA A 734 38.52 10.47 -30.08
C ALA A 734 38.33 9.87 -28.69
N TYR A 735 39.41 9.87 -27.92
CA TYR A 735 39.30 9.40 -26.55
C TYR A 735 40.36 10.08 -25.68
N ILE A 736 40.05 10.17 -24.40
CA ILE A 736 41.01 10.53 -23.38
C ILE A 736 41.01 9.40 -22.37
N LYS A 737 42.16 8.81 -22.14
CA LYS A 737 42.29 7.70 -21.21
C LYS A 737 43.28 8.05 -20.12
N LEU A 738 42.83 7.90 -18.88
CA LEU A 738 43.68 8.00 -17.71
C LEU A 738 43.81 6.59 -17.16
N SER A 739 45.00 6.01 -17.26
CA SER A 739 45.24 4.66 -16.80
C SER A 739 46.73 4.48 -16.57
N GLY A 740 47.06 3.52 -15.73
CA GLY A 740 48.41 3.43 -15.23
C GLY A 740 48.68 4.70 -14.48
N GLY A 741 49.73 5.40 -14.84
CA GLY A 741 49.91 6.74 -14.36
C GLY A 741 50.02 7.67 -15.53
N ASN A 742 49.36 7.31 -16.63
CA ASN A 742 49.51 8.00 -17.89
C ASN A 742 48.20 8.67 -18.28
N ILE A 743 48.34 9.66 -19.16
CA ILE A 743 47.21 10.28 -19.83
C ILE A 743 47.42 10.10 -21.31
N GLU A 744 46.42 9.56 -21.99
CA GLU A 744 46.46 9.34 -23.43
C GLU A 744 45.31 10.07 -24.08
N LEU A 745 45.63 10.96 -25.00
CA LEU A 745 44.66 11.66 -25.82
C LEU A 745 44.82 11.12 -27.23
N GLY A 746 43.88 10.30 -27.65
CA GLY A 746 43.94 9.74 -28.98
C GLY A 746 42.76 10.17 -29.81
N CYS A 747 43.00 10.55 -31.05
CA CYS A 747 41.93 10.89 -31.96
C CYS A 747 42.40 10.72 -33.38
N PRO A 748 41.52 10.34 -34.31
CA PRO A 748 41.91 10.28 -35.72
C PRO A 748 42.06 11.65 -36.35
N GLY A 749 41.45 12.68 -35.79
CA GLY A 749 41.57 14.01 -36.31
C GLY A 749 42.69 14.78 -35.65
N GLN A 750 42.41 15.98 -35.19
CA GLN A 750 43.44 16.83 -34.61
C GLN A 750 43.16 17.11 -33.14
N ILE A 751 44.23 17.29 -32.39
CA ILE A 751 44.14 17.77 -31.02
C ILE A 751 44.44 19.26 -31.04
N LEU A 752 43.46 20.05 -30.64
CA LEU A 752 43.57 21.50 -30.69
C LEU A 752 43.60 22.04 -29.27
N LEU A 753 44.63 22.82 -28.96
CA LEU A 753 44.74 23.52 -27.69
C LEU A 753 44.59 25.01 -27.97
N LYS A 754 43.60 25.63 -27.35
CA LYS A 754 43.33 27.03 -27.56
C LYS A 754 43.53 27.84 -26.29
N GLY B 491 -44.59 -25.78 7.79
CA GLY B 491 -43.66 -26.88 7.75
C GLY B 491 -42.20 -26.43 7.79
N THR B 492 -41.52 -26.76 8.88
CA THR B 492 -40.10 -26.47 9.11
C THR B 492 -39.76 -24.99 9.05
N ARG B 493 -40.76 -24.10 9.14
CA ARG B 493 -40.50 -22.67 9.17
C ARG B 493 -41.20 -22.06 10.39
N ASN B 494 -40.40 -21.64 11.36
CA ASN B 494 -40.89 -20.91 12.52
C ASN B 494 -40.65 -19.44 12.28
N VAL B 495 -41.72 -18.66 12.30
CA VAL B 495 -41.66 -17.25 11.93
C VAL B 495 -42.24 -16.42 13.06
N ILE B 496 -41.45 -15.47 13.55
CA ILE B 496 -41.93 -14.39 14.40
C ILE B 496 -42.05 -13.17 13.50
N ARG B 497 -43.24 -12.95 12.94
CA ARG B 497 -43.46 -11.88 11.98
C ARG B 497 -44.38 -10.84 12.59
N THR B 498 -43.99 -9.59 12.50
CA THR B 498 -44.82 -8.48 12.93
C THR B 498 -45.61 -7.96 11.76
N PRO B 499 -46.67 -7.18 12.01
CA PRO B 499 -47.44 -6.61 10.89
C PRO B 499 -46.61 -5.73 9.97
N ALA B 500 -45.55 -5.10 10.48
CA ALA B 500 -44.67 -4.30 9.65
C ALA B 500 -43.64 -5.13 8.90
N ASN B 501 -43.75 -6.46 8.98
CA ASN B 501 -42.83 -7.40 8.34
C ASN B 501 -41.43 -7.36 8.95
N ASN B 502 -41.30 -6.95 10.21
CA ASN B 502 -40.13 -7.35 10.99
C ASN B 502 -40.27 -8.84 11.28
N LYS B 503 -39.30 -9.62 10.85
CA LYS B 503 -39.42 -11.05 11.01
C LYS B 503 -38.15 -11.64 11.58
N LEU B 504 -38.32 -12.65 12.40
CA LEU B 504 -37.28 -13.58 12.76
C LEU B 504 -37.75 -14.94 12.27
N ARG B 505 -37.18 -15.41 11.17
CA ARG B 505 -37.56 -16.66 10.55
C ARG B 505 -36.49 -17.70 10.80
N MET B 506 -36.92 -18.88 11.25
CA MET B 506 -36.04 -20.02 11.43
C MET B 506 -36.52 -21.14 10.53
N GLU B 507 -35.69 -21.52 9.57
CA GLU B 507 -36.00 -22.59 8.64
C GLU B 507 -35.40 -23.89 9.17
N ASP B 508 -36.25 -24.89 9.38
CA ASP B 508 -35.85 -26.14 10.00
C ASP B 508 -35.52 -27.24 9.01
N LYS B 509 -35.73 -27.02 7.72
CA LYS B 509 -35.52 -28.10 6.77
C LYS B 509 -34.08 -28.60 6.86
N ARG B 510 -33.94 -29.89 7.19
CA ARG B 510 -32.63 -30.45 7.49
C ARG B 510 -31.69 -30.31 6.32
N GLY B 511 -30.45 -29.92 6.62
CA GLY B 511 -29.48 -29.65 5.60
C GLY B 511 -29.65 -28.33 4.88
N GLU B 512 -30.74 -27.61 5.13
CA GLU B 512 -30.94 -26.29 4.57
C GLU B 512 -31.48 -25.33 5.62
N GLU B 513 -30.99 -25.44 6.84
CA GLU B 513 -31.46 -24.59 7.92
C GLU B 513 -30.98 -23.17 7.71
N HIS B 514 -31.81 -22.21 8.10
CA HIS B 514 -31.37 -20.83 8.09
C HIS B 514 -32.14 -20.03 9.11
N ILE B 515 -31.56 -18.91 9.49
CA ILE B 515 -32.19 -17.92 10.34
C ILE B 515 -32.16 -16.61 9.59
N LYS B 516 -33.31 -15.95 9.51
CA LYS B 516 -33.42 -14.65 8.87
C LYS B 516 -33.98 -13.66 9.87
N LEU B 517 -33.22 -12.61 10.13
CA LEU B 517 -33.65 -11.48 10.93
C LEU B 517 -33.73 -10.29 10.00
N SER B 518 -34.94 -9.85 9.69
CA SER B 518 -35.12 -8.92 8.59
C SER B 518 -36.10 -7.81 8.97
N THR B 519 -35.73 -6.58 8.64
CA THR B 519 -36.62 -5.44 8.72
C THR B 519 -36.77 -4.85 7.32
N GLU B 520 -37.92 -4.24 7.07
CA GLU B 520 -38.18 -3.62 5.78
C GLU B 520 -37.48 -2.29 5.60
N TYR B 521 -36.92 -1.72 6.66
CA TYR B 521 -36.29 -0.41 6.56
C TYR B 521 -34.94 -0.53 5.87
N GLY B 522 -34.60 0.50 5.09
CA GLY B 522 -33.34 0.55 4.38
C GLY B 522 -33.21 -0.54 3.34
N GLY B 523 -34.18 -0.61 2.42
CA GLY B 523 -34.28 -1.82 1.67
C GLY B 523 -34.61 -2.89 2.67
N LYS B 524 -34.20 -4.10 2.39
CA LYS B 524 -34.33 -5.16 3.37
C LYS B 524 -33.04 -5.21 4.18
N THR B 525 -33.04 -4.57 5.34
CA THR B 525 -31.92 -4.66 6.26
C THR B 525 -32.02 -5.98 7.00
N GLN B 526 -31.07 -6.88 6.77
CA GLN B 526 -31.23 -8.26 7.19
C GLN B 526 -29.93 -8.81 7.74
N LEU B 527 -30.08 -9.77 8.64
CA LEU B 527 -29.03 -10.71 8.98
C LEU B 527 -29.53 -12.09 8.56
N ASN B 528 -28.82 -12.70 7.62
CA ASN B 528 -29.17 -14.01 7.10
C ASN B 528 -28.08 -14.99 7.50
N LEU B 529 -28.45 -16.01 8.24
CA LEU B 529 -27.51 -17.01 8.72
C LEU B 529 -27.83 -18.37 8.10
N GLY B 530 -26.82 -19.00 7.53
CA GLY B 530 -26.96 -20.38 7.10
C GLY B 530 -27.31 -20.50 5.64
N HIS B 531 -28.36 -21.28 5.35
CA HIS B 531 -28.77 -21.60 3.99
C HIS B 531 -29.74 -20.52 3.53
N ASN B 532 -29.17 -19.41 3.08
CA ASN B 532 -29.95 -18.22 2.79
C ASN B 532 -30.62 -18.31 1.44
N VAL B 533 -31.93 -18.12 1.41
CA VAL B 533 -32.73 -18.31 0.22
C VAL B 533 -33.40 -17.00 -0.15
N ASP B 534 -33.83 -16.90 -1.40
CA ASP B 534 -34.56 -15.73 -1.86
C ASP B 534 -36.05 -15.94 -1.61
N ALA B 535 -36.86 -15.05 -2.16
CA ALA B 535 -38.32 -15.13 -1.94
C ALA B 535 -38.89 -16.40 -2.53
N SER B 536 -38.34 -16.87 -3.66
CA SER B 536 -38.77 -18.13 -4.24
C SER B 536 -38.07 -19.32 -3.62
N ARG B 537 -37.44 -19.16 -2.46
CA ARG B 537 -36.82 -20.22 -1.68
C ARG B 537 -35.64 -20.87 -2.40
N GLU B 538 -35.08 -20.21 -3.39
CA GLU B 538 -33.88 -20.72 -4.04
C GLU B 538 -32.65 -20.17 -3.30
N LEU B 539 -31.65 -21.03 -3.18
CA LEU B 539 -30.43 -20.65 -2.46
C LEU B 539 -29.80 -19.43 -3.10
N ARG B 540 -29.65 -18.36 -2.32
CA ARG B 540 -28.95 -17.18 -2.79
C ARG B 540 -27.60 -16.99 -2.11
N GLY B 541 -27.21 -17.90 -1.22
CA GLY B 541 -25.94 -17.79 -0.55
C GLY B 541 -25.84 -18.63 0.69
N GLU B 542 -24.64 -19.06 1.04
CA GLU B 542 -24.41 -19.85 2.23
C GLU B 542 -23.50 -19.09 3.18
N GLY B 543 -23.89 -19.06 4.44
CA GLY B 543 -23.11 -18.42 5.48
C GLY B 543 -23.88 -17.31 6.15
N ALA B 544 -23.18 -16.23 6.46
CA ALA B 544 -23.76 -15.12 7.20
C ALA B 544 -23.75 -13.89 6.30
N GLU B 545 -24.91 -13.28 6.13
CA GLU B 545 -25.04 -12.06 5.36
C GLU B 545 -25.63 -10.98 6.23
N LEU B 546 -24.91 -9.89 6.37
CA LEU B 546 -25.44 -8.66 6.95
C LEU B 546 -25.57 -7.66 5.82
N ARG B 547 -26.79 -7.28 5.50
CA ARG B 547 -27.04 -6.50 4.30
C ARG B 547 -28.08 -5.42 4.58
N THR B 548 -27.94 -4.32 3.85
CA THR B 548 -28.83 -3.18 3.93
C THR B 548 -28.58 -2.31 2.72
N ASP B 549 -29.59 -1.55 2.33
CA ASP B 549 -29.39 -0.49 1.35
C ASP B 549 -28.79 0.76 1.99
N ASP B 550 -28.83 0.85 3.31
CA ASP B 550 -28.29 1.97 4.08
C ASP B 550 -26.85 1.65 4.49
N TRP B 551 -26.38 2.34 5.52
CA TRP B 551 -25.02 2.13 6.01
C TRP B 551 -24.90 0.86 6.85
N ILE B 552 -23.69 0.32 6.87
CA ILE B 552 -23.33 -0.73 7.80
C ILE B 552 -22.23 -0.19 8.70
N SER B 553 -22.43 -0.33 10.00
CA SER B 553 -21.44 0.08 10.98
C SER B 553 -21.06 -1.14 11.80
N ILE B 554 -19.78 -1.45 11.82
CA ILE B 554 -19.24 -2.53 12.64
C ILE B 554 -18.25 -1.87 13.59
N ARG B 555 -18.60 -1.84 14.86
CA ARG B 555 -17.88 -1.06 15.85
C ARG B 555 -17.50 -1.96 17.02
N GLY B 556 -16.23 -2.27 17.14
CA GLY B 556 -15.74 -3.04 18.26
C GLY B 556 -14.79 -2.22 19.11
N GLY B 557 -15.21 -1.89 20.33
CA GLY B 557 -14.42 -0.99 21.16
C GLY B 557 -13.05 -1.52 21.52
N LYS B 558 -12.88 -2.84 21.55
CA LYS B 558 -11.60 -3.43 21.88
C LYS B 558 -10.83 -3.93 20.67
N GLY B 559 -11.40 -3.88 19.49
CA GLY B 559 -10.70 -4.30 18.29
C GLY B 559 -11.59 -5.10 17.37
N ILE B 560 -11.20 -5.16 16.11
CA ILE B 560 -11.93 -5.83 15.07
C ILE B 560 -11.04 -6.92 14.50
N PHE B 561 -11.52 -8.14 14.53
CA PHE B 561 -10.86 -9.26 13.86
C PHE B 561 -11.77 -9.72 12.73
N ILE B 562 -11.35 -9.51 11.50
CA ILE B 562 -12.07 -9.99 10.33
C ILE B 562 -11.19 -11.03 9.67
N SER B 563 -11.70 -12.24 9.57
CA SER B 563 -10.87 -13.39 9.28
C SER B 563 -11.62 -14.34 8.38
N ALA B 564 -10.95 -14.78 7.31
CA ALA B 564 -11.42 -15.89 6.50
C ALA B 564 -10.84 -17.22 6.95
N ASP B 565 -10.51 -17.35 8.24
CA ASP B 565 -9.91 -18.56 8.77
C ASP B 565 -10.99 -19.48 9.32
N MET B 566 -11.11 -20.66 8.75
CA MET B 566 -12.06 -21.65 9.20
C MET B 566 -11.84 -21.99 10.66
N GLN B 567 -12.91 -21.95 11.45
CA GLN B 567 -12.93 -22.46 12.81
C GLN B 567 -14.16 -23.35 12.94
N PRO B 568 -14.05 -24.59 12.51
CA PRO B 568 -15.24 -25.45 12.39
C PRO B 568 -15.98 -25.66 13.70
N GLN B 569 -17.29 -25.56 13.65
CA GLN B 569 -18.19 -25.78 14.78
C GLN B 569 -17.98 -24.77 15.90
N ALA B 570 -17.37 -23.62 15.59
CA ALA B 570 -17.06 -22.59 16.58
C ALA B 570 -16.23 -23.14 17.72
N GLN B 571 -15.46 -24.19 17.48
CA GLN B 571 -14.60 -24.78 18.49
C GLN B 571 -13.31 -23.97 18.56
N GLY B 572 -13.12 -23.27 19.67
CA GLY B 572 -11.99 -22.39 19.84
C GLY B 572 -12.42 -21.00 20.26
N LYS B 573 -11.43 -20.21 20.64
CA LYS B 573 -11.70 -18.86 21.09
C LYS B 573 -12.21 -18.01 19.94
N MET B 574 -13.02 -17.00 20.29
CA MET B 574 -13.52 -16.07 19.31
C MET B 574 -12.39 -15.33 18.61
N LEU B 575 -11.31 -15.02 19.34
CA LEU B 575 -10.17 -14.32 18.78
C LEU B 575 -9.00 -15.24 18.46
N ASP B 576 -9.28 -16.50 18.15
CA ASP B 576 -8.25 -17.45 17.75
C ASP B 576 -7.68 -17.02 16.41
N MET B 577 -6.43 -16.57 16.40
CA MET B 577 -5.86 -15.93 15.22
C MET B 577 -4.46 -16.45 14.95
N ASP B 578 -4.27 -17.76 15.08
CA ASP B 578 -2.93 -18.34 14.98
C ASP B 578 -2.30 -18.08 13.61
N GLU B 579 -3.07 -18.28 12.53
CA GLU B 579 -2.50 -18.04 11.21
C GLU B 579 -2.26 -16.56 10.97
N ALA B 580 -3.18 -15.70 11.42
CA ALA B 580 -2.95 -14.27 11.31
C ALA B 580 -1.73 -13.84 12.12
N ILE B 581 -1.54 -14.45 13.30
CA ILE B 581 -0.38 -14.12 14.11
C ILE B 581 0.90 -14.59 13.43
N ARG B 582 0.87 -15.77 12.81
CA ARG B 582 2.02 -16.21 12.03
C ARG B 582 2.34 -15.22 10.93
N GLN B 583 1.32 -14.71 10.25
CA GLN B 583 1.55 -13.70 9.21
C GLN B 583 2.17 -12.44 9.79
N LEU B 584 1.65 -11.96 10.92
CA LEU B 584 2.19 -10.77 11.56
C LEU B 584 3.65 -10.97 11.93
N GLU B 585 3.97 -12.11 12.53
CA GLU B 585 5.34 -12.38 12.95
C GLU B 585 6.26 -12.51 11.75
N GLN B 586 5.79 -13.16 10.69
CA GLN B 586 6.60 -13.31 9.49
C GLN B 586 6.91 -11.95 8.87
N ALA B 587 5.89 -11.09 8.76
CA ALA B 587 6.10 -9.76 8.23
C ALA B 587 7.07 -8.98 9.09
N LEU B 588 6.92 -9.06 10.41
CA LEU B 588 7.78 -8.30 11.30
C LEU B 588 9.22 -8.79 11.23
N SER B 589 9.42 -10.10 11.18
CA SER B 589 10.78 -10.63 11.12
C SER B 589 11.44 -10.31 9.79
N LEU B 590 10.66 -10.34 8.70
CA LEU B 590 11.18 -9.89 7.42
C LEU B 590 11.60 -8.43 7.48
N ALA B 591 10.75 -7.57 8.05
CA ALA B 591 11.09 -6.16 8.17
C ALA B 591 12.33 -5.96 9.02
N ARG B 592 12.49 -6.75 10.08
CA ARG B 592 13.64 -6.57 10.96
C ARG B 592 14.93 -7.00 10.28
N SER B 593 14.90 -8.15 9.59
CA SER B 593 16.08 -8.58 8.87
C SER B 593 16.45 -7.59 7.76
N MET B 594 15.43 -7.03 7.10
CA MET B 594 15.72 -6.04 6.07
C MET B 594 16.23 -4.75 6.67
N ALA B 595 15.79 -4.41 7.88
CA ALA B 595 16.31 -3.21 8.54
C ALA B 595 17.78 -3.39 8.88
N LYS B 596 18.17 -4.58 9.34
CA LYS B 596 19.59 -4.83 9.55
C LYS B 596 20.35 -4.73 8.23
N ALA B 597 19.79 -5.29 7.16
CA ALA B 597 20.45 -5.19 5.86
C ALA B 597 20.60 -3.74 5.42
N ALA B 598 19.58 -2.92 5.67
CA ALA B 598 19.65 -1.51 5.32
C ALA B 598 20.74 -0.80 6.11
N THR B 599 20.87 -1.14 7.39
CA THR B 599 21.95 -0.59 8.20
C THR B 599 23.30 -0.97 7.63
N ALA B 600 23.47 -2.24 7.27
CA ALA B 600 24.74 -2.69 6.72
C ALA B 600 25.10 -1.97 5.43
N ALA B 601 24.11 -1.58 4.63
CA ALA B 601 24.35 -0.93 3.35
C ALA B 601 24.32 0.58 3.44
N ASN B 602 24.19 1.14 4.65
CA ASN B 602 24.07 2.58 4.86
C ASN B 602 22.83 3.16 4.19
N ALA B 603 21.78 2.36 4.07
CA ALA B 603 20.48 2.87 3.67
C ALA B 603 19.77 3.44 4.89
N THR B 604 18.75 4.25 4.62
CA THR B 604 17.90 4.73 5.69
C THR B 604 17.06 3.58 6.24
N GLN B 605 17.17 3.34 7.54
CA GLN B 605 16.47 2.24 8.16
C GLN B 605 14.97 2.51 8.22
N GLY B 606 14.20 1.44 8.16
CA GLY B 606 12.77 1.56 8.35
C GLY B 606 12.40 1.76 9.81
N ASP B 607 11.10 1.99 10.03
CA ASP B 607 10.56 2.21 11.37
C ASP B 607 10.11 0.86 11.93
N ILE B 608 11.05 0.15 12.56
CA ILE B 608 10.71 -1.13 13.13
C ILE B 608 9.87 -0.96 14.38
N SER B 609 10.09 0.12 15.13
CA SER B 609 9.46 0.29 16.44
C SER B 609 7.95 0.25 16.35
N CYS B 610 7.37 1.04 15.46
CA CYS B 610 5.92 1.10 15.35
C CYS B 610 5.34 -0.20 14.81
N GLN B 611 6.08 -0.92 13.98
CA GLN B 611 5.59 -2.22 13.49
C GLN B 611 5.65 -3.29 14.57
N GLN B 612 6.69 -3.26 15.40
CA GLN B 612 6.75 -4.16 16.55
C GLN B 612 5.63 -3.86 17.52
N ARG B 613 5.37 -2.58 17.77
CA ARG B 613 4.24 -2.19 18.60
C ARG B 613 2.92 -2.62 17.98
N LEU B 614 2.82 -2.56 16.64
CA LEU B 614 1.61 -3.02 15.97
C LEU B 614 1.43 -4.51 16.15
N ASN B 615 2.52 -5.28 16.07
CA ASN B 615 2.44 -6.70 16.36
C ASN B 615 1.90 -6.94 17.75
N ALA B 616 2.43 -6.22 18.75
CA ALA B 616 1.95 -6.37 20.11
C ALA B 616 0.47 -6.02 20.21
N SER B 617 0.05 -4.94 19.54
CA SER B 617 -1.33 -4.48 19.62
C SER B 617 -2.29 -5.48 18.97
N LEU B 618 -1.93 -5.99 17.80
CA LEU B 618 -2.85 -6.80 17.02
C LEU B 618 -2.86 -8.25 17.46
N THR B 619 -1.76 -8.75 18.01
CA THR B 619 -1.75 -10.11 18.52
C THR B 619 -2.76 -10.23 19.64
N ASP B 620 -3.78 -11.06 19.41
CA ASP B 620 -4.92 -11.22 20.30
C ASP B 620 -5.70 -9.92 20.49
N LEU B 621 -5.44 -8.91 19.67
CA LEU B 621 -6.09 -7.61 19.76
C LEU B 621 -6.06 -7.08 21.19
N THR B 622 -4.86 -7.08 21.79
CA THR B 622 -4.70 -6.54 23.13
C THR B 622 -4.89 -5.04 23.16
N ALA B 623 -4.76 -4.37 22.03
CA ALA B 623 -5.13 -2.98 21.85
C ALA B 623 -6.20 -2.89 20.78
N PRO B 624 -7.04 -1.85 20.79
CA PRO B 624 -8.11 -1.76 19.80
C PRO B 624 -7.59 -1.47 18.41
N GLY B 625 -6.99 -2.49 17.80
CA GLY B 625 -6.59 -2.44 16.42
C GLY B 625 -7.59 -3.13 15.52
N MET B 626 -7.21 -3.28 14.28
CA MET B 626 -8.01 -4.00 13.31
C MET B 626 -7.11 -4.97 12.57
N LEU B 627 -7.50 -6.23 12.59
CA LEU B 627 -6.73 -7.29 11.95
C LEU B 627 -7.62 -7.92 10.88
N LEU B 628 -7.21 -7.76 9.64
CA LEU B 628 -7.84 -8.41 8.50
C LEU B 628 -6.92 -9.51 8.03
N HIS B 629 -7.41 -10.74 8.07
CA HIS B 629 -6.61 -11.86 7.63
C HIS B 629 -7.46 -12.80 6.79
N ALA B 630 -6.91 -13.23 5.67
CA ALA B 630 -7.52 -14.25 4.86
C ALA B 630 -6.40 -15.18 4.46
N PRO B 631 -6.61 -16.49 4.53
CA PRO B 631 -5.55 -17.41 4.08
C PRO B 631 -5.29 -17.35 2.60
N ASP B 632 -6.25 -16.97 1.78
CA ASP B 632 -6.10 -17.03 0.34
C ASP B 632 -6.09 -15.66 -0.33
N GLY B 633 -5.69 -14.64 0.40
CA GLY B 633 -5.45 -13.37 -0.25
C GLY B 633 -6.52 -12.35 0.07
N ILE B 634 -6.11 -11.08 0.04
CA ILE B 634 -7.00 -9.98 0.36
C ILE B 634 -7.00 -9.01 -0.80
N GLY B 635 -8.19 -8.68 -1.27
CA GLY B 635 -8.36 -7.67 -2.28
C GLY B 635 -9.14 -6.48 -1.77
N MET B 636 -8.54 -5.31 -1.85
CA MET B 636 -9.16 -4.05 -1.48
C MET B 636 -9.25 -3.23 -2.76
N VAL B 637 -10.46 -3.11 -3.30
CA VAL B 637 -10.64 -2.52 -4.61
C VAL B 637 -11.76 -1.50 -4.59
N SER B 638 -11.62 -0.51 -5.46
CA SER B 638 -12.62 0.51 -5.68
C SER B 638 -12.35 1.13 -7.04
N ALA B 639 -13.42 1.50 -7.73
CA ALA B 639 -13.24 2.36 -8.90
C ALA B 639 -12.66 3.70 -8.48
N ARG B 640 -13.01 4.17 -7.30
CA ARG B 640 -12.57 5.46 -6.79
C ARG B 640 -11.26 5.31 -6.03
N ALA B 641 -10.84 6.40 -5.39
CA ALA B 641 -9.55 6.44 -4.73
C ALA B 641 -9.51 5.52 -3.52
N LEU B 642 -8.31 5.04 -3.23
CA LEU B 642 -8.05 4.30 -2.00
C LEU B 642 -7.07 5.10 -1.18
N ARG B 643 -7.23 5.07 0.13
CA ARG B 643 -6.27 5.67 1.03
C ARG B 643 -5.88 4.69 2.11
N ILE B 644 -4.58 4.51 2.28
CA ILE B 644 -4.00 3.80 3.39
C ILE B 644 -3.14 4.81 4.12
N ALA B 645 -3.52 5.14 5.35
CA ALA B 645 -2.88 6.25 6.03
C ALA B 645 -2.69 5.95 7.51
N SER B 646 -1.46 6.14 7.97
CA SER B 646 -1.15 6.19 9.38
C SER B 646 -0.91 7.65 9.75
N GLY B 647 -1.71 8.17 10.68
CA GLY B 647 -1.60 9.58 11.02
C GLY B 647 -0.31 9.93 11.73
N SER B 648 0.13 9.08 12.64
CA SER B 648 1.28 9.38 13.47
C SER B 648 2.41 8.36 13.34
N GLU B 649 2.16 7.23 12.71
CA GLU B 649 3.13 6.15 12.69
C GLU B 649 3.41 5.75 11.25
N SER B 650 4.00 4.59 11.07
CA SER B 650 4.45 4.19 9.75
C SER B 650 3.44 3.29 9.06
N VAL B 651 3.48 3.31 7.74
CA VAL B 651 2.81 2.34 6.91
C VAL B 651 3.86 1.34 6.46
N GLY B 652 3.68 0.08 6.83
CA GLY B 652 4.59 -0.99 6.46
C GLY B 652 3.93 -1.92 5.45
N ILE B 653 4.61 -2.10 4.34
CA ILE B 653 4.19 -3.06 3.33
C ILE B 653 5.27 -4.13 3.25
N MET B 654 4.88 -5.36 3.54
CA MET B 654 5.77 -6.50 3.51
C MET B 654 5.26 -7.53 2.52
N SER B 655 6.16 -8.09 1.75
CA SER B 655 5.81 -9.16 0.84
C SER B 655 6.91 -10.20 0.89
N GLY B 656 6.52 -11.46 1.08
CA GLY B 656 7.49 -12.53 0.89
C GLY B 656 8.00 -12.56 -0.54
N ASP B 657 7.12 -12.31 -1.48
CA ASP B 657 7.45 -12.13 -2.89
C ASP B 657 7.60 -10.65 -3.20
N ASN B 658 7.37 -10.28 -4.45
CA ASN B 658 7.45 -8.92 -4.91
C ASN B 658 6.46 -7.98 -4.21
N THR B 659 6.80 -6.70 -4.22
CA THR B 659 5.84 -5.62 -4.01
C THR B 659 5.78 -4.86 -5.32
N ASP B 660 4.67 -4.99 -6.03
CA ASP B 660 4.50 -4.41 -7.36
C ASP B 660 3.57 -3.22 -7.26
N ILE B 661 3.98 -2.11 -7.84
CA ILE B 661 3.14 -0.94 -7.95
C ILE B 661 2.94 -0.68 -9.43
N THR B 662 1.70 -0.61 -9.85
CA THR B 662 1.32 -0.39 -11.23
C THR B 662 0.40 0.83 -11.27
N ALA B 663 0.92 1.94 -11.77
CA ALA B 663 0.19 3.20 -11.80
C ALA B 663 -0.25 3.48 -13.22
N GLY B 664 -1.56 3.61 -13.41
CA GLY B 664 -2.07 4.03 -14.70
C GLY B 664 -1.67 5.44 -15.07
N GLN B 665 -1.34 6.28 -14.08
CA GLN B 665 -0.73 7.55 -14.41
C GLN B 665 0.70 7.67 -13.90
N SER B 666 0.89 7.85 -12.58
CA SER B 666 2.22 8.19 -12.11
C SER B 666 2.44 7.64 -10.72
N PHE B 667 3.68 7.32 -10.44
CA PHE B 667 4.09 6.92 -9.10
C PHE B 667 4.89 8.08 -8.52
N THR B 668 4.34 8.70 -7.48
CA THR B 668 4.97 9.85 -6.85
C THR B 668 5.22 9.53 -5.39
N VAL B 669 6.40 9.86 -4.92
CA VAL B 669 6.77 9.75 -3.52
C VAL B 669 7.26 11.12 -3.08
N VAL B 670 6.67 11.64 -2.02
CA VAL B 670 7.21 12.77 -1.30
C VAL B 670 7.45 12.31 0.12
N ALA B 671 8.71 12.30 0.52
CA ALA B 671 9.09 11.99 1.88
C ALA B 671 9.65 13.26 2.51
N GLU B 672 9.19 13.56 3.72
CA GLU B 672 9.73 14.71 4.44
C GLU B 672 11.20 14.49 4.77
N GLY B 673 11.57 13.26 5.12
CA GLY B 673 12.95 12.96 5.40
C GLY B 673 13.68 12.42 4.20
N ALA B 674 13.97 11.13 4.20
CA ALA B 674 14.79 10.53 3.16
C ALA B 674 13.96 9.64 2.25
N VAL B 675 14.45 9.43 1.05
CA VAL B 675 13.99 8.38 0.17
C VAL B 675 15.14 7.40 0.03
N SER B 676 14.89 6.15 0.39
CA SER B 676 15.92 5.13 0.43
C SER B 676 15.43 3.89 -0.28
N LEU B 677 16.08 3.54 -1.38
CA LEU B 677 15.80 2.32 -2.11
C LEU B 677 17.03 1.43 -2.04
N LEU B 678 16.89 0.28 -1.39
CA LEU B 678 17.96 -0.69 -1.27
C LEU B 678 17.55 -1.99 -1.92
N SER B 679 18.28 -2.37 -2.95
CA SER B 679 18.20 -3.71 -3.52
C SER B 679 19.32 -4.55 -2.94
N ARG B 680 19.01 -5.75 -2.51
CA ARG B 680 20.02 -6.55 -1.84
C ARG B 680 20.79 -7.45 -2.80
N ASN B 681 20.13 -7.97 -3.81
CA ASN B 681 20.82 -8.97 -4.60
C ASN B 681 20.82 -8.72 -6.10
N GLN B 682 19.73 -8.21 -6.65
CA GLN B 682 19.55 -8.19 -8.10
C GLN B 682 19.64 -6.79 -8.69
N GLY B 683 20.27 -5.87 -7.98
CA GLY B 683 20.52 -4.56 -8.53
C GLY B 683 19.27 -3.71 -8.64
N MET B 684 19.46 -2.57 -9.28
CA MET B 684 18.46 -1.52 -9.34
C MET B 684 18.35 -1.02 -10.77
N GLN B 685 17.13 -0.94 -11.27
CA GLN B 685 16.85 -0.39 -12.59
C GLN B 685 15.96 0.83 -12.40
N LEU B 686 16.45 1.97 -12.81
CA LEU B 686 15.71 3.22 -12.82
C LEU B 686 15.60 3.64 -14.27
N LEU B 687 14.48 3.34 -14.89
CA LEU B 687 14.32 3.43 -16.33
C LEU B 687 13.13 4.31 -16.68
N ALA B 688 13.35 5.24 -17.58
CA ALA B 688 12.28 5.93 -18.28
C ALA B 688 12.31 5.45 -19.72
N ALA B 689 11.30 4.67 -20.10
CA ALA B 689 11.15 4.28 -21.48
C ALA B 689 11.05 5.52 -22.38
N LYS B 690 10.27 6.50 -21.94
CA LYS B 690 10.21 7.80 -22.57
C LYS B 690 10.25 8.86 -21.50
N GLY B 691 10.58 10.07 -21.91
CA GLY B 691 10.64 11.18 -20.98
C GLY B 691 12.00 11.33 -20.34
N ARG B 692 12.27 12.54 -19.89
CA ARG B 692 13.56 12.90 -19.32
C ARG B 692 13.77 12.24 -17.96
N VAL B 693 14.98 11.76 -17.72
CA VAL B 693 15.40 11.32 -16.39
C VAL B 693 16.15 12.48 -15.76
N ASN B 694 15.67 12.92 -14.61
CA ASN B 694 16.26 14.04 -13.89
C ASN B 694 16.60 13.59 -12.48
N ILE B 695 17.88 13.66 -12.14
CA ILE B 695 18.39 13.29 -10.82
C ILE B 695 19.08 14.51 -10.25
N GLN B 696 18.58 15.02 -9.14
CA GLN B 696 19.08 16.26 -8.57
C GLN B 696 19.27 16.15 -7.07
N ALA B 697 20.45 16.54 -6.61
CA ALA B 697 20.64 17.01 -5.24
C ALA B 697 20.50 18.53 -5.31
N GLN B 698 19.27 19.01 -5.13
CA GLN B 698 18.95 20.39 -5.41
C GLN B 698 19.67 21.37 -4.49
N SER B 699 20.10 20.94 -3.31
CA SER B 699 20.83 21.84 -2.43
C SER B 699 21.98 21.14 -1.71
N ASP B 700 22.53 20.09 -2.29
CA ASP B 700 23.51 19.28 -1.58
C ASP B 700 24.42 18.58 -2.57
N ASP B 701 25.21 17.64 -2.07
CA ASP B 701 26.09 16.81 -2.88
C ASP B 701 25.32 15.69 -3.55
N LEU B 702 25.78 15.32 -4.74
CA LEU B 702 25.38 14.07 -5.37
C LEU B 702 26.61 13.19 -5.52
N SER B 703 26.47 11.95 -5.10
CA SER B 703 27.53 10.96 -5.22
C SER B 703 26.97 9.75 -5.97
N MET B 704 27.66 9.37 -7.03
CA MET B 704 27.28 8.21 -7.82
C MET B 704 28.52 7.33 -7.94
N SER B 705 28.45 6.14 -7.39
CA SER B 705 29.62 5.28 -7.33
C SER B 705 29.25 3.85 -7.64
N SER B 706 30.22 3.13 -8.16
CA SER B 706 30.16 1.69 -8.29
C SER B 706 31.47 1.12 -7.79
N GLN B 707 31.41 -0.09 -7.26
CA GLN B 707 32.63 -0.81 -6.96
C GLN B 707 33.30 -1.27 -8.24
N GLN B 708 32.53 -1.81 -9.15
CA GLN B 708 33.00 -2.26 -10.45
C GLN B 708 32.85 -1.13 -11.47
N ASN B 709 32.86 -1.46 -12.75
CA ASN B 709 32.89 -0.46 -13.80
C ASN B 709 31.68 0.46 -13.76
N LEU B 710 31.94 1.74 -13.97
CA LEU B 710 30.91 2.76 -14.09
C LEU B 710 30.91 3.28 -15.52
N ASP B 711 29.78 3.14 -16.19
CA ASP B 711 29.64 3.58 -17.57
C ASP B 711 28.57 4.67 -17.66
N ILE B 712 28.94 5.78 -18.25
CA ILE B 712 28.04 6.88 -18.55
C ILE B 712 28.04 7.09 -20.04
N GLN B 713 26.88 7.01 -20.66
CA GLN B 713 26.81 6.99 -22.11
C GLN B 713 25.60 7.73 -22.62
N SER B 714 25.80 8.56 -23.63
CA SER B 714 24.73 9.04 -24.48
C SER B 714 24.86 8.28 -25.80
N SER B 715 23.86 7.45 -26.11
CA SER B 715 23.96 6.58 -27.28
C SER B 715 23.76 7.33 -28.58
N GLU B 716 23.03 8.44 -28.56
CA GLU B 716 22.76 9.17 -29.78
C GLU B 716 22.98 10.67 -29.66
N GLY B 717 23.31 11.16 -28.48
CA GLY B 717 23.43 12.59 -28.25
C GLY B 717 24.78 12.94 -27.64
N LYS B 718 24.76 14.01 -26.86
CA LYS B 718 25.95 14.55 -26.25
C LYS B 718 26.02 14.17 -24.78
N VAL B 719 27.25 14.14 -24.27
CA VAL B 719 27.51 14.09 -22.85
C VAL B 719 28.18 15.40 -22.47
N THR B 720 27.56 16.11 -21.54
CA THR B 720 28.10 17.36 -21.04
C THR B 720 28.33 17.23 -19.54
N VAL B 721 29.56 17.48 -19.12
CA VAL B 721 29.92 17.50 -17.71
C VAL B 721 30.40 18.90 -17.38
N SER B 722 29.64 19.60 -16.55
CA SER B 722 29.96 20.97 -16.20
C SER B 722 30.07 21.10 -14.69
N ALA B 723 31.15 21.73 -14.26
CA ALA B 723 31.34 22.09 -12.87
C ALA B 723 31.39 23.59 -12.78
N ASN B 724 31.01 24.11 -11.61
CA ASN B 724 31.09 25.54 -11.39
C ASN B 724 32.45 25.94 -10.87
N GLN B 725 33.00 25.14 -9.96
CA GLN B 725 34.26 25.48 -9.31
C GLN B 725 35.45 24.73 -9.90
N GLU B 726 35.29 23.44 -10.14
CA GLU B 726 36.45 22.61 -10.47
C GLU B 726 35.95 21.29 -11.02
N LEU B 727 36.42 20.93 -12.19
CA LEU B 727 36.14 19.63 -12.78
C LEU B 727 37.41 18.81 -12.75
N ILE B 728 37.38 17.67 -12.06
CA ILE B 728 38.54 16.82 -11.88
C ILE B 728 38.21 15.43 -12.39
N LEU B 729 39.04 14.92 -13.28
CA LEU B 729 39.07 13.52 -13.65
C LEU B 729 40.37 12.93 -13.15
N ALA B 730 40.27 11.89 -12.35
CA ALA B 730 41.45 11.32 -11.71
C ALA B 730 41.42 9.81 -11.85
N CYS B 731 42.57 9.23 -12.15
CA CYS B 731 42.73 7.79 -12.15
C CYS B 731 44.20 7.47 -12.02
N GLY B 732 44.56 6.69 -11.01
CA GLY B 732 45.91 6.16 -10.89
C GLY B 732 47.00 7.20 -10.83
N GLY B 733 46.78 8.29 -10.10
CA GLY B 733 47.73 9.37 -10.01
C GLY B 733 47.60 10.40 -11.12
N ALA B 734 47.18 9.98 -12.31
CA ALA B 734 46.90 10.92 -13.37
C ALA B 734 45.64 11.71 -13.06
N TYR B 735 45.60 12.95 -13.52
CA TYR B 735 44.39 13.74 -13.36
C TYR B 735 44.31 14.78 -14.46
N ILE B 736 43.07 15.17 -14.75
CA ILE B 736 42.77 16.34 -15.57
C ILE B 736 41.90 17.25 -14.73
N LYS B 737 42.35 18.47 -14.52
CA LYS B 737 41.62 19.43 -13.72
C LYS B 737 41.28 20.65 -14.55
N LEU B 738 40.01 21.00 -14.57
CA LEU B 738 39.52 22.25 -15.14
C LEU B 738 39.09 23.12 -13.97
N SER B 739 39.84 24.19 -13.73
CA SER B 739 39.53 25.09 -12.62
C SER B 739 40.17 26.42 -12.90
N GLY B 740 39.64 27.44 -12.26
CA GLY B 740 39.98 28.80 -12.65
C GLY B 740 39.55 28.97 -14.08
N GLY B 741 40.48 29.36 -14.93
CA GLY B 741 40.22 29.30 -16.34
C GLY B 741 41.29 28.45 -16.99
N ASN B 742 41.81 27.49 -16.24
CA ASN B 742 42.96 26.71 -16.64
C ASN B 742 42.57 25.26 -16.85
N ILE B 743 43.40 24.57 -17.61
CA ILE B 743 43.35 23.12 -17.75
C ILE B 743 44.68 22.57 -17.31
N GLU B 744 44.66 21.63 -16.39
CA GLU B 744 45.86 21.00 -15.87
C GLU B 744 45.77 19.50 -16.11
N LEU B 745 46.74 18.97 -16.83
CA LEU B 745 46.89 17.54 -17.05
C LEU B 745 48.13 17.12 -16.27
N GLY B 746 47.93 16.45 -15.17
CA GLY B 746 49.04 15.98 -14.36
C GLY B 746 49.06 14.49 -14.27
N CYS B 747 50.24 13.90 -14.42
CA CYS B 747 50.39 12.47 -14.26
C CYS B 747 51.84 12.16 -13.91
N PRO B 748 52.08 11.11 -13.11
CA PRO B 748 53.46 10.71 -12.85
C PRO B 748 54.13 10.03 -14.03
N GLY B 749 53.34 9.49 -14.96
CA GLY B 749 53.89 8.86 -16.13
C GLY B 749 54.01 9.82 -17.28
N GLN B 750 53.50 9.44 -18.45
CA GLN B 750 53.64 10.24 -19.64
C GLN B 750 52.29 10.69 -20.15
N ILE B 751 52.27 11.85 -20.77
CA ILE B 751 51.12 12.34 -21.50
C ILE B 751 51.34 12.06 -22.98
N LEU B 752 50.50 11.22 -23.55
CA LEU B 752 50.64 10.78 -24.93
C LEU B 752 49.51 11.37 -25.76
N LEU B 753 49.87 12.07 -26.83
CA LEU B 753 48.90 12.57 -27.80
C LEU B 753 49.10 11.80 -29.09
N LYS B 754 48.05 11.14 -29.54
CA LYS B 754 48.12 10.33 -30.75
C LYS B 754 47.21 10.87 -31.84
N GLY C 491 -32.49 -22.00 34.26
CA GLY C 491 -31.97 -20.90 35.06
C GLY C 491 -31.16 -19.91 34.26
N THR C 492 -31.69 -18.70 34.13
CA THR C 492 -31.08 -17.57 33.44
C THR C 492 -30.79 -17.84 31.97
N ARG C 493 -31.38 -18.87 31.38
CA ARG C 493 -31.21 -19.16 29.96
C ARG C 493 -32.58 -19.26 29.32
N ASN C 494 -32.92 -18.29 28.49
CA ASN C 494 -34.13 -18.31 27.67
C ASN C 494 -33.74 -18.76 26.28
N VAL C 495 -34.33 -19.86 25.83
CA VAL C 495 -33.94 -20.48 24.57
C VAL C 495 -35.17 -20.65 23.69
N ILE C 496 -35.11 -20.09 22.49
CA ILE C 496 -36.04 -20.40 21.41
C ILE C 496 -35.31 -21.38 20.49
N ARG C 497 -35.51 -22.67 20.73
CA ARG C 497 -34.81 -23.71 20.00
C ARG C 497 -35.79 -24.48 19.12
N THR C 498 -35.45 -24.64 17.87
CA THR C 498 -36.24 -25.44 16.96
C THR C 498 -35.70 -26.87 16.93
N PRO C 499 -36.47 -27.82 16.42
CA PRO C 499 -35.95 -29.20 16.34
C PRO C 499 -34.70 -29.33 15.50
N ALA C 500 -34.50 -28.46 14.52
CA ALA C 500 -33.29 -28.48 13.71
C ALA C 500 -32.12 -27.77 14.39
N ASN C 501 -32.29 -27.36 15.65
CA ASN C 501 -31.29 -26.65 16.42
C ASN C 501 -31.00 -25.25 15.89
N ASN C 502 -31.95 -24.64 15.18
CA ASN C 502 -31.95 -23.18 15.08
C ASN C 502 -32.32 -22.62 16.44
N LYS C 503 -31.45 -21.82 17.02
CA LYS C 503 -31.70 -21.34 18.36
C LYS C 503 -31.46 -19.85 18.45
N LEU C 504 -32.28 -19.21 19.27
CA LEU C 504 -32.03 -17.88 19.78
C LEU C 504 -31.94 -18.04 21.29
N ARG C 505 -30.72 -18.00 21.82
CA ARG C 505 -30.47 -18.20 23.24
C ARG C 505 -30.12 -16.87 23.88
N MET C 506 -30.77 -16.57 24.99
CA MET C 506 -30.46 -15.39 25.80
C MET C 506 -30.04 -15.85 27.17
N GLU C 507 -28.79 -15.57 27.52
CA GLU C 507 -28.24 -15.94 28.82
C GLU C 507 -28.38 -14.75 29.76
N ASP C 508 -29.07 -14.96 30.87
CA ASP C 508 -29.40 -13.89 31.81
C ASP C 508 -28.44 -13.76 32.97
N LYS C 509 -27.48 -14.67 33.11
CA LYS C 509 -26.62 -14.64 34.28
C LYS C 509 -25.91 -13.29 34.34
N ARG C 510 -26.13 -12.56 35.44
CA ARG C 510 -25.68 -11.19 35.55
C ARG C 510 -24.16 -11.11 35.43
N GLY C 511 -23.70 -10.12 34.67
CA GLY C 511 -22.30 -9.98 34.39
C GLY C 511 -21.76 -10.94 33.36
N GLU C 512 -22.55 -11.92 32.91
CA GLU C 512 -22.15 -12.82 31.85
C GLU C 512 -23.29 -13.02 30.85
N GLU C 513 -24.03 -11.97 30.56
CA GLU C 513 -25.14 -12.07 29.65
C GLU C 513 -24.66 -12.29 28.23
N HIS C 514 -25.41 -13.07 27.47
CA HIS C 514 -25.10 -13.20 26.06
C HIS C 514 -26.36 -13.55 25.29
N ILE C 515 -26.30 -13.28 23.99
CA ILE C 515 -27.32 -13.68 23.05
C ILE C 515 -26.64 -14.49 21.98
N LYS C 516 -27.20 -15.66 21.68
CA LYS C 516 -26.69 -16.52 20.64
C LYS C 516 -27.79 -16.78 19.62
N LEU C 517 -27.53 -16.42 18.39
CA LEU C 517 -28.40 -16.72 17.26
C LEU C 517 -27.62 -17.68 16.37
N SER C 518 -28.04 -18.93 16.34
CA SER C 518 -27.21 -19.97 15.75
C SER C 518 -28.02 -20.91 14.90
N THR C 519 -27.50 -21.21 13.72
CA THR C 519 -28.02 -22.27 12.87
C THR C 519 -26.94 -23.31 12.66
N GLU C 520 -27.35 -24.55 12.45
CA GLU C 520 -26.41 -25.64 12.22
C GLU C 520 -25.83 -25.64 10.82
N TYR C 521 -26.37 -24.85 9.91
CA TYR C 521 -25.88 -24.86 8.55
C TYR C 521 -24.55 -24.12 8.45
N GLY C 522 -23.68 -24.61 7.57
CA GLY C 522 -22.37 -24.02 7.35
C GLY C 522 -21.49 -24.08 8.56
N GLY C 523 -21.28 -25.28 9.09
CA GLY C 523 -20.75 -25.35 10.41
C GLY C 523 -21.81 -24.71 11.28
N LYS C 524 -21.38 -24.11 12.37
CA LYS C 524 -22.31 -23.35 13.19
C LYS C 524 -22.25 -21.90 12.71
N THR C 525 -23.19 -21.52 11.85
CA THR C 525 -23.31 -20.12 11.44
C THR C 525 -24.04 -19.38 12.54
N GLN C 526 -23.35 -18.45 13.18
CA GLN C 526 -23.83 -17.87 14.42
C GLN C 526 -23.57 -16.38 14.47
N LEU C 527 -24.43 -15.70 15.21
CA LEU C 527 -24.16 -14.38 15.74
C LEU C 527 -24.13 -14.52 17.25
N ASN C 528 -22.99 -14.24 17.86
CA ASN C 528 -22.80 -14.33 19.30
C ASN C 528 -22.55 -12.94 19.84
N LEU C 529 -23.41 -12.48 20.74
CA LEU C 529 -23.30 -11.17 21.32
C LEU C 529 -23.03 -11.27 22.81
N GLY C 530 -22.01 -10.56 23.27
CA GLY C 530 -21.79 -10.41 24.69
C GLY C 530 -20.79 -11.41 25.22
N HIS C 531 -21.17 -12.10 26.29
CA HIS C 531 -20.29 -13.02 27.00
C HIS C 531 -20.41 -14.40 26.35
N ASN C 532 -19.68 -14.57 25.26
CA ASN C 532 -19.85 -15.73 24.41
C ASN C 532 -19.11 -16.94 24.98
N VAL C 533 -19.82 -18.04 25.14
CA VAL C 533 -19.29 -19.22 25.80
C VAL C 533 -19.32 -20.39 24.83
N ASP C 534 -18.52 -21.39 25.13
CA ASP C 534 -18.50 -22.61 24.33
C ASP C 534 -19.55 -23.58 24.87
N ALA C 535 -19.54 -24.82 24.35
CA ALA C 535 -20.53 -25.80 24.76
C ALA C 535 -20.41 -26.12 26.25
N SER C 536 -19.20 -26.11 26.79
CA SER C 536 -19.01 -26.32 28.22
C SER C 536 -19.16 -25.04 29.02
N ARG C 537 -19.76 -24.00 28.43
CA ARG C 537 -20.09 -22.75 29.09
C ARG C 537 -18.86 -21.97 29.56
N GLU C 538 -17.69 -22.28 29.01
CA GLU C 538 -16.51 -21.50 29.30
C GLU C 538 -16.40 -20.34 28.32
N LEU C 539 -15.97 -19.19 28.81
CA LEU C 539 -15.87 -18.01 27.98
C LEU C 539 -14.93 -18.26 26.81
N ARG C 540 -15.46 -18.11 25.60
CA ARG C 540 -14.63 -18.20 24.40
C ARG C 540 -14.42 -16.86 23.72
N GLY C 541 -14.97 -15.79 24.27
CA GLY C 541 -14.80 -14.48 23.69
C GLY C 541 -15.81 -13.47 24.18
N GLU C 542 -15.43 -12.21 24.19
CA GLU C 542 -16.31 -11.13 24.60
C GLU C 542 -16.55 -10.19 23.43
N GLY C 543 -17.82 -9.84 23.22
CA GLY C 543 -18.21 -8.91 22.19
C GLY C 543 -19.15 -9.56 21.21
N ALA C 544 -18.99 -9.22 19.95
CA ALA C 544 -19.87 -9.66 18.88
C ALA C 544 -19.08 -10.55 17.93
N GLU C 545 -19.57 -11.75 17.70
CA GLU C 545 -18.96 -12.67 16.76
C GLU C 545 -19.98 -13.07 15.72
N LEU C 546 -19.65 -12.80 14.46
CA LEU C 546 -20.38 -13.33 13.32
C LEU C 546 -19.47 -14.36 12.67
N ARG C 547 -19.90 -15.61 12.71
CA ARG C 547 -19.02 -16.70 12.30
C ARG C 547 -19.79 -17.74 11.51
N THR C 548 -19.08 -18.39 10.60
CA THR C 548 -19.61 -19.43 9.75
C THR C 548 -18.43 -20.16 9.14
N ASP C 549 -18.64 -21.42 8.78
CA ASP C 549 -17.70 -22.13 7.94
C ASP C 549 -17.83 -21.76 6.47
N ASP C 550 -18.94 -21.14 6.10
CA ASP C 550 -19.23 -20.70 4.74
C ASP C 550 -18.78 -19.25 4.55
N TRP C 551 -19.33 -18.57 3.57
CA TRP C 551 -18.97 -17.20 3.30
C TRP C 551 -19.65 -16.23 4.26
N ILE C 552 -19.01 -15.09 4.46
CA ILE C 552 -19.60 -13.95 5.13
C ILE C 552 -19.71 -12.82 4.13
N SER C 553 -20.90 -12.25 4.02
CA SER C 553 -21.14 -11.11 3.17
C SER C 553 -21.65 -9.97 4.02
N ILE C 554 -20.95 -8.85 3.99
CA ILE C 554 -21.36 -7.64 4.66
C ILE C 554 -21.56 -6.59 3.58
N ARG C 555 -22.81 -6.21 3.36
CA ARG C 555 -23.19 -5.40 2.22
C ARG C 555 -23.98 -4.19 2.71
N GLY C 556 -23.37 -3.02 2.62
CA GLY C 556 -24.04 -1.79 2.97
C GLY C 556 -24.18 -0.88 1.76
N GLY C 557 -25.41 -0.70 1.29
CA GLY C 557 -25.62 0.04 0.05
C GLY C 557 -25.16 1.48 0.11
N LYS C 558 -25.14 2.08 1.29
CA LYS C 558 -24.71 3.46 1.43
C LYS C 558 -23.30 3.61 1.97
N GLY C 559 -22.64 2.52 2.34
CA GLY C 559 -21.27 2.59 2.81
C GLY C 559 -21.05 1.70 4.01
N ILE C 560 -19.79 1.38 4.24
CA ILE C 560 -19.37 0.48 5.30
C ILE C 560 -18.43 1.26 6.20
N PHE C 561 -18.77 1.33 7.47
CA PHE C 561 -17.88 1.87 8.50
C PHE C 561 -17.49 0.74 9.42
N ILE C 562 -16.23 0.35 9.38
CA ILE C 562 -15.68 -0.66 10.28
C ILE C 562 -14.68 0.05 11.17
N SER C 563 -14.93 0.00 12.46
CA SER C 563 -14.26 0.90 13.38
C SER C 563 -13.97 0.17 14.68
N ALA C 564 -12.73 0.31 15.15
CA ALA C 564 -12.37 -0.10 16.50
C ALA C 564 -12.47 1.04 17.49
N ASP C 565 -13.34 2.01 17.24
CA ASP C 565 -13.49 3.17 18.10
C ASP C 565 -14.59 2.92 19.12
N MET C 566 -14.22 2.94 20.39
CA MET C 566 -15.17 2.77 21.47
C MET C 566 -16.27 3.83 21.41
N GLN C 567 -17.51 3.37 21.47
CA GLN C 567 -18.67 4.24 21.66
C GLN C 567 -19.50 3.66 22.79
N PRO C 568 -19.13 3.95 24.04
CA PRO C 568 -19.73 3.25 25.17
C PRO C 568 -21.23 3.42 25.28
N GLN C 569 -21.94 2.33 25.54
CA GLN C 569 -23.39 2.29 25.73
C GLN C 569 -24.15 2.70 24.48
N ALA C 570 -23.50 2.61 23.31
CA ALA C 570 -24.10 3.01 22.04
C ALA C 570 -24.61 4.45 22.08
N GLN C 571 -24.01 5.28 22.92
CA GLN C 571 -24.38 6.69 23.01
C GLN C 571 -23.68 7.45 21.90
N GLY C 572 -24.47 7.94 20.96
CA GLY C 572 -23.94 8.60 19.79
C GLY C 572 -24.49 8.01 18.50
N LYS C 573 -24.20 8.71 17.42
CA LYS C 573 -24.68 8.27 16.12
C LYS C 573 -23.99 6.98 15.71
N MET C 574 -24.69 6.19 14.90
CA MET C 574 -24.13 4.96 14.38
C MET C 574 -22.88 5.24 13.54
N LEU C 575 -22.88 6.35 12.81
CA LEU C 575 -21.75 6.71 11.97
C LEU C 575 -20.86 7.76 12.60
N ASP C 576 -20.80 7.82 13.92
CA ASP C 576 -19.93 8.75 14.62
C ASP C 576 -18.48 8.35 14.37
N MET C 577 -17.75 9.17 13.62
CA MET C 577 -16.44 8.79 13.13
C MET C 577 -15.44 9.92 13.31
N ASP C 578 -15.49 10.59 14.47
CA ASP C 578 -14.67 11.78 14.67
C ASP C 578 -13.19 11.48 14.58
N GLU C 579 -12.73 10.38 15.18
CA GLU C 579 -11.31 10.05 15.12
C GLU C 579 -10.93 9.61 13.71
N ALA C 580 -11.77 8.83 13.05
CA ALA C 580 -11.51 8.46 11.67
C ALA C 580 -11.48 9.69 10.77
N ILE C 581 -12.36 10.66 11.03
CA ILE C 581 -12.36 11.88 10.23
C ILE C 581 -11.10 12.68 10.48
N ARG C 582 -10.64 12.75 11.73
CA ARG C 582 -9.38 13.40 12.02
C ARG C 582 -8.24 12.73 11.25
N GLN C 583 -8.24 11.40 11.18
CA GLN C 583 -7.22 10.71 10.41
C GLN C 583 -7.31 11.05 8.93
N LEU C 584 -8.52 11.07 8.38
CA LEU C 584 -8.68 11.41 6.97
C LEU C 584 -8.19 12.82 6.68
N GLU C 585 -8.54 13.77 7.54
CA GLU C 585 -8.12 15.15 7.34
C GLU C 585 -6.61 15.30 7.49
N GLN C 586 -6.02 14.59 8.45
CA GLN C 586 -4.58 14.66 8.64
C GLN C 586 -3.85 14.11 7.43
N ALA C 587 -4.31 12.96 6.92
CA ALA C 587 -3.70 12.40 5.72
C ALA C 587 -3.84 13.33 4.54
N LEU C 588 -5.02 13.93 4.37
CA LEU C 588 -5.23 14.80 3.23
C LEU C 588 -4.38 16.06 3.32
N SER C 589 -4.27 16.65 4.52
CA SER C 589 -3.49 17.86 4.66
C SER C 589 -2.00 17.56 4.48
N LEU C 590 -1.54 16.40 4.95
CA LEU C 590 -0.17 16.00 4.69
C LEU C 590 0.07 15.85 3.19
N ALA C 591 -0.85 15.19 2.49
CA ALA C 591 -0.71 15.02 1.05
C ALA C 591 -0.71 16.37 0.34
N ARG C 592 -1.52 17.32 0.79
CA ARG C 592 -1.60 18.62 0.13
C ARG C 592 -0.32 19.42 0.35
N SER C 593 0.19 19.44 1.58
CA SER C 593 1.44 20.14 1.83
C SER C 593 2.59 19.51 1.05
N MET C 594 2.59 18.18 0.94
CA MET C 594 3.63 17.52 0.17
C MET C 594 3.48 17.78 -1.32
N ALA C 595 2.24 17.97 -1.79
CA ALA C 595 2.03 18.30 -3.19
C ALA C 595 2.57 19.69 -3.50
N LYS C 596 2.37 20.63 -2.59
CA LYS C 596 2.99 21.94 -2.75
C LYS C 596 4.50 21.83 -2.76
N ALA C 597 5.06 21.02 -1.86
CA ALA C 597 6.51 20.82 -1.84
C ALA C 597 7.00 20.21 -3.15
N ALA C 598 6.26 19.27 -3.70
CA ALA C 598 6.63 18.66 -4.96
C ALA C 598 6.62 19.67 -6.09
N THR C 599 5.62 20.56 -6.09
CA THR C 599 5.58 21.63 -7.07
C THR C 599 6.80 22.53 -6.94
N ALA C 600 7.15 22.91 -5.71
CA ALA C 600 8.31 23.77 -5.51
C ALA C 600 9.60 23.13 -5.99
N ALA C 601 9.71 21.81 -5.92
CA ALA C 601 10.92 21.11 -6.31
C ALA C 601 10.89 20.61 -7.74
N ASN C 602 9.85 20.94 -8.50
CA ASN C 602 9.65 20.47 -9.87
C ASN C 602 9.52 18.96 -9.93
N ALA C 603 9.01 18.35 -8.88
CA ALA C 603 8.62 16.95 -8.92
C ALA C 603 7.24 16.82 -9.54
N THR C 604 6.91 15.61 -9.97
CA THR C 604 5.56 15.33 -10.44
C THR C 604 4.61 15.37 -9.26
N GLN C 605 3.58 16.20 -9.34
CA GLN C 605 2.64 16.36 -8.25
C GLN C 605 1.75 15.11 -8.13
N GLY C 606 1.32 14.85 -6.91
CA GLY C 606 0.37 13.79 -6.69
C GLY C 606 -1.04 14.18 -7.10
N ASP C 607 -1.94 13.21 -7.03
CA ASP C 607 -3.35 13.40 -7.38
C ASP C 607 -4.12 13.80 -6.12
N ILE C 608 -4.12 15.11 -5.85
CA ILE C 608 -4.84 15.59 -4.68
C ILE C 608 -6.34 15.52 -4.90
N SER C 609 -6.79 15.71 -6.14
CA SER C 609 -8.22 15.85 -6.41
C SER C 609 -9.00 14.62 -5.96
N CYS C 610 -8.56 13.43 -6.35
CA CYS C 610 -9.29 12.22 -6.00
C CYS C 610 -9.21 11.94 -4.50
N GLN C 611 -8.13 12.34 -3.83
CA GLN C 611 -8.05 12.14 -2.39
C GLN C 611 -8.95 13.12 -1.64
N GLN C 612 -9.05 14.35 -2.12
CA GLN C 612 -10.00 15.30 -1.55
C GLN C 612 -11.43 14.82 -1.75
N ARG C 613 -11.73 14.31 -2.94
CA ARG C 613 -13.03 13.72 -3.18
C ARG C 613 -13.27 12.52 -2.29
N LEU C 614 -12.24 11.71 -2.03
CA LEU C 614 -12.37 10.59 -1.13
C LEU C 614 -12.68 11.05 0.27
N ASN C 615 -12.03 12.12 0.72
CA ASN C 615 -12.36 12.70 2.02
C ASN C 615 -13.83 13.09 2.08
N ALA C 616 -14.32 13.78 1.04
CA ALA C 616 -15.73 14.15 1.01
C ALA C 616 -16.64 12.92 1.05
N SER C 617 -16.28 11.88 0.29
CA SER C 617 -17.11 10.69 0.22
C SER C 617 -17.15 9.94 1.55
N LEU C 618 -15.99 9.79 2.19
CA LEU C 618 -15.89 8.94 3.36
C LEU C 618 -16.32 9.66 4.63
N THR C 619 -16.16 10.97 4.69
CA THR C 619 -16.63 11.72 5.84
C THR C 619 -18.13 11.55 5.98
N ASP C 620 -18.55 10.92 7.08
CA ASP C 620 -19.94 10.54 7.33
C ASP C 620 -20.49 9.59 6.28
N LEU C 621 -19.62 9.02 5.45
CA LEU C 621 -20.01 8.12 4.37
C LEU C 621 -21.16 8.70 3.55
N THR C 622 -20.98 9.94 3.11
CA THR C 622 -21.97 10.57 2.25
C THR C 622 -22.06 9.93 0.89
N ALA C 623 -21.01 9.21 0.48
CA ALA C 623 -21.03 8.36 -0.68
C ALA C 623 -20.74 6.92 -0.25
N PRO C 624 -21.20 5.93 -1.01
CA PRO C 624 -20.97 4.54 -0.59
C PRO C 624 -19.51 4.12 -0.69
N GLY C 625 -18.71 4.62 0.24
CA GLY C 625 -17.35 4.20 0.39
C GLY C 625 -17.19 3.19 1.50
N MET C 626 -15.95 2.90 1.82
CA MET C 626 -15.63 2.01 2.92
C MET C 626 -14.57 2.67 3.76
N LEU C 627 -14.83 2.81 5.04
CA LEU C 627 -13.92 3.43 5.98
C LEU C 627 -13.55 2.40 7.03
N LEU C 628 -12.29 2.03 7.05
CA LEU C 628 -11.74 1.15 8.08
C LEU C 628 -10.86 2.01 8.98
N HIS C 629 -11.21 2.08 10.25
CA HIS C 629 -10.44 2.85 11.19
C HIS C 629 -10.27 2.08 12.48
N ALA C 630 -9.04 2.08 13.00
CA ALA C 630 -8.77 1.52 14.28
C ALA C 630 -7.83 2.52 14.96
N PRO C 631 -8.05 2.85 16.22
CA PRO C 631 -7.12 3.76 16.90
C PRO C 631 -5.74 3.18 17.11
N ASP C 632 -5.60 1.85 17.19
CA ASP C 632 -4.33 1.25 17.53
C ASP C 632 -3.73 0.43 16.38
N GLY C 633 -4.06 0.78 15.15
CA GLY C 633 -3.34 0.19 14.05
C GLY C 633 -4.17 -0.82 13.30
N ILE C 634 -3.87 -0.96 12.01
CA ILE C 634 -4.60 -1.86 11.15
C ILE C 634 -3.61 -2.81 10.49
N GLY C 635 -3.88 -4.09 10.61
CA GLY C 635 -3.10 -5.10 9.92
C GLY C 635 -3.92 -5.85 8.90
N MET C 636 -3.46 -5.82 7.66
CA MET C 636 -4.08 -6.55 6.55
C MET C 636 -3.05 -7.57 6.10
N VAL C 637 -3.27 -8.83 6.42
CA VAL C 637 -2.28 -9.86 6.21
C VAL C 637 -2.89 -11.07 5.54
N SER C 638 -2.06 -11.76 4.76
CA SER C 638 -2.41 -13.01 4.12
C SER C 638 -1.10 -13.72 3.77
N ALA C 639 -1.13 -15.04 3.87
CA ALA C 639 -0.04 -15.80 3.27
C ALA C 639 0.00 -15.58 1.76
N ARG C 640 -1.16 -15.41 1.15
CA ARG C 640 -1.28 -15.24 -0.29
C ARG C 640 -1.18 -13.77 -0.66
N ALA C 641 -1.43 -13.48 -1.93
CA ALA C 641 -1.24 -12.15 -2.46
C ALA C 641 -2.25 -11.17 -1.88
N LEU C 642 -1.84 -9.91 -1.80
CA LEU C 642 -2.73 -8.83 -1.46
C LEU C 642 -2.82 -7.90 -2.66
N ARG C 643 -3.99 -7.34 -2.87
CA ARG C 643 -4.16 -6.33 -3.89
C ARG C 643 -4.88 -5.12 -3.30
N ILE C 644 -4.29 -3.95 -3.52
CA ILE C 644 -4.91 -2.68 -3.25
C ILE C 644 -4.99 -1.98 -4.60
N ALA C 645 -6.21 -1.75 -5.07
CA ALA C 645 -6.37 -1.28 -6.43
C ALA C 645 -7.49 -0.25 -6.53
N SER C 646 -7.18 0.88 -7.14
CA SER C 646 -8.17 1.84 -7.58
C SER C 646 -8.28 1.72 -9.10
N GLY C 647 -9.47 1.40 -9.58
CA GLY C 647 -9.64 1.18 -11.01
C GLY C 647 -9.49 2.44 -11.84
N SER C 648 -10.03 3.55 -11.35
CA SER C 648 -10.04 4.78 -12.13
C SER C 648 -9.34 5.93 -11.44
N GLU C 649 -9.00 5.80 -10.17
CA GLU C 649 -8.48 6.92 -9.41
C GLU C 649 -7.16 6.53 -8.79
N SER C 650 -6.72 7.29 -7.82
CA SER C 650 -5.39 7.10 -7.27
C SER C 650 -5.42 6.26 -5.99
N VAL C 651 -4.30 5.60 -5.74
CA VAL C 651 -4.03 4.98 -4.45
C VAL C 651 -3.10 5.92 -3.71
N GLY C 652 -3.55 6.40 -2.56
CA GLY C 652 -2.78 7.28 -1.72
C GLY C 652 -2.35 6.56 -0.45
N ILE C 653 -1.05 6.58 -0.20
CA ILE C 653 -0.48 6.05 1.04
C ILE C 653 0.14 7.22 1.77
N MET C 654 -0.36 7.50 2.96
CA MET C 654 0.13 8.58 3.79
C MET C 654 0.62 8.01 5.11
N SER C 655 1.74 8.51 5.58
CA SER C 655 2.26 8.12 6.88
C SER C 655 2.79 9.37 7.55
N GLY C 656 2.37 9.59 8.79
CA GLY C 656 3.04 10.62 9.59
C GLY C 656 4.50 10.30 9.79
N ASP C 657 4.80 9.03 10.01
CA ASP C 657 6.15 8.49 10.06
C ASP C 657 6.55 7.94 8.69
N ASN C 658 7.46 6.98 8.70
CA ASN C 658 7.94 6.34 7.48
C ASN C 658 6.83 5.60 6.72
N THR C 659 7.07 5.43 5.43
CA THR C 659 6.40 4.42 4.63
C THR C 659 7.47 3.43 4.22
N ASP C 660 7.44 2.23 4.80
CA ASP C 660 8.46 1.21 4.59
C ASP C 660 7.88 0.12 3.70
N ILE C 661 8.64 -0.23 2.67
CA ILE C 661 8.30 -1.36 1.83
C ILE C 661 9.43 -2.37 1.95
N THR C 662 9.06 -3.59 2.31
CA THR C 662 10.01 -4.67 2.50
C THR C 662 9.56 -5.83 1.62
N ALA C 663 10.31 -6.06 0.55
CA ALA C 663 9.97 -7.08 -0.44
C ALA C 663 10.91 -8.27 -0.26
N GLY C 664 10.32 -9.43 0.01
CA GLY C 664 11.11 -10.64 0.03
C GLY C 664 11.70 -11.00 -1.32
N GLN C 665 11.10 -10.51 -2.41
CA GLN C 665 11.77 -10.65 -3.69
C GLN C 665 12.14 -9.31 -4.30
N SER C 666 11.18 -8.54 -4.80
CA SER C 666 11.55 -7.38 -5.59
C SER C 666 10.50 -6.30 -5.42
N PHE C 667 10.95 -5.06 -5.52
CA PHE C 667 10.08 -3.91 -5.55
C PHE C 667 10.07 -3.38 -6.98
N THR C 668 8.94 -3.48 -7.64
CA THR C 668 8.82 -3.05 -9.03
C THR C 668 7.74 -1.99 -9.12
N VAL C 669 8.04 -0.93 -9.84
CA VAL C 669 7.08 0.11 -10.16
C VAL C 669 7.03 0.26 -11.67
N VAL C 670 5.84 0.17 -12.23
CA VAL C 670 5.61 0.57 -13.60
C VAL C 670 4.56 1.66 -13.55
N ALA C 671 4.93 2.86 -13.95
CA ALA C 671 4.01 3.97 -14.08
C ALA C 671 3.85 4.30 -15.55
N GLU C 672 2.61 4.47 -15.98
CA GLU C 672 2.36 4.87 -17.35
C GLU C 672 2.90 6.27 -17.62
N GLY C 673 2.78 7.16 -16.63
CA GLY C 673 3.31 8.49 -16.78
C GLY C 673 4.70 8.61 -16.20
N ALA C 674 4.82 9.29 -15.07
CA ALA C 674 6.11 9.60 -14.49
C ALA C 674 6.36 8.77 -13.23
N VAL C 675 7.63 8.62 -12.91
CA VAL C 675 8.06 8.16 -11.60
C VAL C 675 8.78 9.32 -10.95
N SER C 676 8.30 9.74 -9.79
CA SER C 676 8.80 10.91 -9.12
C SER C 676 9.07 10.59 -7.67
N LEU C 677 10.33 10.65 -7.26
CA LEU C 677 10.74 10.48 -5.88
C LEU C 677 11.34 11.77 -5.39
N LEU C 678 10.69 12.39 -4.41
CA LEU C 678 11.15 13.63 -3.83
C LEU C 678 11.41 13.42 -2.35
N SER C 679 12.65 13.59 -1.94
CA SER C 679 13.03 13.67 -0.55
C SER C 679 13.16 15.15 -0.19
N ARG C 680 12.58 15.55 0.92
CA ARG C 680 12.57 16.96 1.26
C ARG C 680 13.76 17.37 2.12
N ASN C 681 14.21 16.51 3.01
CA ASN C 681 15.21 16.98 3.93
C ASN C 681 16.45 16.11 4.04
N GLN C 682 16.32 14.80 3.97
CA GLN C 682 17.41 13.91 4.31
C GLN C 682 17.99 13.19 3.11
N GLY C 683 17.80 13.73 1.92
CA GLY C 683 18.44 13.18 0.75
C GLY C 683 17.86 11.86 0.30
N MET C 684 18.54 11.29 -0.67
CA MET C 684 18.06 10.11 -1.38
C MET C 684 19.19 9.11 -1.50
N GLN C 685 18.93 7.87 -1.15
CA GLN C 685 19.88 6.78 -1.30
C GLN C 685 19.27 5.77 -2.25
N LEU C 686 19.92 5.54 -3.37
CA LEU C 686 19.54 4.53 -4.34
C LEU C 686 20.71 3.54 -4.37
N LEU C 687 20.57 2.44 -3.65
CA LEU C 687 21.67 1.54 -3.38
C LEU C 687 21.33 0.13 -3.80
N ALA C 688 22.23 -0.48 -4.54
CA ALA C 688 22.23 -1.92 -4.76
C ALA C 688 23.41 -2.49 -3.99
N ALA C 689 23.12 -3.21 -2.91
CA ALA C 689 24.18 -3.91 -2.20
C ALA C 689 24.89 -4.87 -3.13
N LYS C 690 24.14 -5.59 -3.95
CA LYS C 690 24.67 -6.42 -5.00
C LYS C 690 23.84 -6.19 -6.26
N GLY C 691 24.41 -6.56 -7.39
CA GLY C 691 23.73 -6.41 -8.65
C GLY C 691 23.97 -5.06 -9.30
N ARG C 692 23.78 -5.03 -10.60
CA ARG C 692 24.06 -3.86 -11.41
C ARG C 692 23.03 -2.76 -11.15
N VAL C 693 23.49 -1.52 -11.06
CA VAL C 693 22.62 -0.36 -11.06
C VAL C 693 22.56 0.17 -12.48
N ASN C 694 21.35 0.24 -13.02
CA ASN C 694 21.14 0.68 -14.39
C ASN C 694 20.15 1.84 -14.38
N ILE C 695 20.59 3.00 -14.85
CA ILE C 695 19.78 4.19 -14.93
C ILE C 695 19.75 4.62 -16.38
N GLN C 696 18.56 4.65 -16.98
CA GLN C 696 18.42 4.89 -18.40
C GLN C 696 17.28 5.86 -18.68
N ALA C 697 17.58 6.88 -19.47
CA ALA C 697 16.58 7.58 -20.26
C ALA C 697 16.61 6.91 -21.63
N GLN C 698 15.79 5.89 -21.79
CA GLN C 698 15.88 5.02 -22.95
C GLN C 698 15.56 5.73 -24.26
N SER C 699 14.82 6.82 -24.23
CA SER C 699 14.53 7.54 -25.46
C SER C 699 14.57 9.05 -25.27
N ASP C 700 15.33 9.54 -24.30
CA ASP C 700 15.25 10.95 -23.97
C ASP C 700 16.56 11.39 -23.32
N ASP C 701 16.56 12.60 -22.76
CA ASP C 701 17.70 13.14 -22.04
C ASP C 701 17.77 12.58 -20.63
N LEU C 702 19.00 12.45 -20.13
CA LEU C 702 19.25 12.23 -18.73
C LEU C 702 20.02 13.43 -18.19
N SER C 703 19.56 13.96 -17.08
CA SER C 703 20.23 15.06 -16.41
C SER C 703 20.48 14.65 -14.97
N MET C 704 21.74 14.77 -14.54
CA MET C 704 22.14 14.46 -13.18
C MET C 704 22.89 15.67 -12.66
N SER C 705 22.35 16.32 -11.64
CA SER C 705 22.94 17.55 -11.17
C SER C 705 22.93 17.60 -9.66
N SER C 706 23.88 18.33 -9.11
CA SER C 706 23.90 18.72 -7.72
C SER C 706 24.21 20.19 -7.65
N GLN C 707 23.69 20.83 -6.61
CA GLN C 707 24.10 22.19 -6.33
C GLN C 707 25.53 22.22 -5.79
N GLN C 708 25.82 21.31 -4.88
CA GLN C 708 27.15 21.17 -4.29
C GLN C 708 27.94 20.13 -5.08
N ASN C 709 28.99 19.59 -4.49
CA ASN C 709 29.91 18.72 -5.21
C ASN C 709 29.23 17.48 -5.76
N LEU C 710 29.59 17.13 -6.98
CA LEU C 710 29.15 15.93 -7.64
C LEU C 710 30.35 15.00 -7.81
N ASP C 711 30.26 13.81 -7.23
CA ASP C 711 31.34 12.83 -7.30
C ASP C 711 30.85 11.58 -8.02
N ILE C 712 31.59 11.18 -9.03
CA ILE C 712 31.36 9.94 -9.76
C ILE C 712 32.61 9.10 -9.62
N GLN C 713 32.46 7.89 -9.10
CA GLN C 713 33.62 7.10 -8.75
C GLN C 713 33.38 5.62 -9.00
N SER C 714 34.36 4.98 -9.61
CA SER C 714 34.47 3.53 -9.59
C SER C 714 35.61 3.20 -8.62
N SER C 715 35.27 2.55 -7.52
CA SER C 715 36.25 2.33 -6.46
C SER C 715 37.25 1.23 -6.82
N GLU C 716 36.87 0.29 -7.67
CA GLU C 716 37.74 -0.81 -8.02
C GLU C 716 37.82 -1.08 -9.51
N GLY C 717 37.05 -0.38 -10.32
CA GLY C 717 36.98 -0.67 -11.74
C GLY C 717 37.25 0.58 -12.56
N LYS C 718 36.63 0.61 -13.73
CA LYS C 718 36.82 1.67 -14.68
C LYS C 718 35.63 2.62 -14.69
N VAL C 719 35.91 3.85 -15.09
CA VAL C 719 34.88 4.82 -15.43
C VAL C 719 34.99 5.09 -16.91
N THR C 720 33.90 4.85 -17.63
CA THR C 720 33.83 5.10 -19.06
C THR C 720 32.73 6.11 -19.32
N VAL C 721 33.07 7.20 -19.98
CA VAL C 721 32.11 8.20 -20.40
C VAL C 721 32.16 8.26 -21.92
N SER C 722 31.07 7.87 -22.56
CA SER C 722 31.02 7.83 -24.00
C SER C 722 29.85 8.65 -24.49
N ALA C 723 30.11 9.51 -25.47
CA ALA C 723 29.09 10.26 -26.16
C ALA C 723 29.09 9.82 -27.61
N ASN C 724 27.95 9.95 -28.25
CA ASN C 724 27.85 9.64 -29.66
C ASN C 724 28.20 10.84 -30.52
N GLN C 725 27.73 12.02 -30.11
CA GLN C 725 27.92 13.23 -30.90
C GLN C 725 29.04 14.10 -30.40
N GLU C 726 29.12 14.30 -29.09
CA GLU C 726 30.00 15.31 -28.55
C GLU C 726 30.12 15.10 -27.05
N LEU C 727 31.34 14.98 -26.57
CA LEU C 727 31.63 14.90 -25.15
C LEU C 727 32.29 16.20 -24.73
N ILE C 728 31.66 16.91 -23.79
CA ILE C 728 32.14 18.21 -23.34
C ILE C 728 32.32 18.17 -21.83
N LEU C 729 33.51 18.53 -21.39
CA LEU C 729 33.78 18.82 -19.99
C LEU C 729 34.07 20.31 -19.89
N ALA C 730 33.32 21.01 -19.07
CA ALA C 730 33.44 22.46 -18.99
C ALA C 730 33.48 22.88 -17.53
N CYS C 731 34.36 23.83 -17.22
CA CYS C 731 34.40 24.45 -15.91
C CYS C 731 35.11 25.77 -16.03
N GLY C 732 34.44 26.85 -15.63
CA GLY C 732 35.09 28.15 -15.51
C GLY C 732 35.70 28.68 -16.79
N GLY C 733 35.01 28.51 -17.92
CA GLY C 733 35.51 28.92 -19.20
C GLY C 733 36.39 27.91 -19.89
N ALA C 734 37.12 27.10 -19.11
CA ALA C 734 37.87 26.01 -19.69
C ALA C 734 36.93 24.91 -20.15
N TYR C 735 37.33 24.21 -21.21
CA TYR C 735 36.54 23.08 -21.67
C TYR C 735 37.44 22.08 -22.38
N ILE C 736 37.00 20.83 -22.36
CA ILE C 736 37.55 19.78 -23.20
C ILE C 736 36.40 19.22 -24.00
N LYS C 737 36.52 19.25 -25.32
CA LYS C 737 35.49 18.77 -26.20
C LYS C 737 36.03 17.65 -27.07
N LEU C 738 35.35 16.52 -27.06
CA LEU C 738 35.58 15.42 -27.97
C LEU C 738 34.40 15.39 -28.93
N SER C 739 34.66 15.73 -30.19
CA SER C 739 33.60 15.77 -31.20
C SER C 739 34.25 15.66 -32.56
N GLY C 740 33.46 15.21 -33.53
CA GLY C 740 34.02 14.82 -34.80
C GLY C 740 34.96 13.69 -34.52
N GLY C 741 36.20 13.84 -34.94
CA GLY C 741 37.22 12.92 -34.51
C GLY C 741 38.33 13.72 -33.86
N ASN C 742 37.96 14.84 -33.26
CA ASN C 742 38.92 15.79 -32.74
C ASN C 742 38.81 15.89 -31.22
N ILE C 743 39.89 16.38 -30.63
CA ILE C 743 39.92 16.75 -29.23
C ILE C 743 40.29 18.23 -29.17
N GLU C 744 39.48 19.00 -28.47
CA GLU C 744 39.71 20.43 -28.31
C GLU C 744 39.81 20.75 -26.83
N LEU C 745 40.93 21.32 -26.43
CA LEU C 745 41.14 21.82 -25.08
C LEU C 745 41.18 23.33 -25.19
N GLY C 746 40.13 23.98 -24.75
CA GLY C 746 40.08 25.42 -24.79
C GLY C 746 39.95 26.01 -23.40
N CYS C 747 40.72 27.05 -23.14
CA CYS C 747 40.62 27.75 -21.87
C CYS C 747 41.13 29.16 -22.04
N PRO C 748 40.58 30.12 -21.30
CA PRO C 748 41.13 31.48 -21.34
C PRO C 748 42.44 31.62 -20.62
N GLY C 749 42.75 30.71 -19.70
CA GLY C 749 44.01 30.76 -18.99
C GLY C 749 45.06 29.91 -19.67
N GLN C 750 45.73 29.05 -18.91
CA GLN C 750 46.82 28.26 -19.44
C GLN C 750 46.49 26.78 -19.39
N ILE C 751 47.03 26.04 -20.35
CA ILE C 751 47.00 24.59 -20.33
C ILE C 751 48.33 24.10 -19.80
N LEU C 752 48.31 23.42 -18.66
CA LEU C 752 49.51 22.97 -17.99
C LEU C 752 49.57 21.45 -18.05
N LEU C 753 50.68 20.94 -18.56
CA LEU C 753 50.96 19.51 -18.57
C LEU C 753 52.11 19.25 -17.60
N LYS C 754 51.86 18.42 -16.61
CA LYS C 754 52.88 18.14 -15.60
C LYS C 754 53.29 16.68 -15.63
#